data_9CY1
#
_entry.id   9CY1
#
_cell.length_a   1.00
_cell.length_b   1.00
_cell.length_c   1.00
_cell.angle_alpha   90.00
_cell.angle_beta   90.00
_cell.angle_gamma   90.00
#
_symmetry.space_group_name_H-M   'P 1'
#
loop_
_entity.id
_entity.type
_entity.pdbx_description
1 polymer 'Solute carrier organic anion transporter family member 1B1'
2 polymer 'Sybody 5'
#
loop_
_entity_poly.entity_id
_entity_poly.type
_entity_poly.pdbx_seq_one_letter_code
_entity_poly.pdbx_strand_id
1 'polypeptide(L)'
;MHHHHHHHHHHDYKDDDDKENLYFQGMDQNQHLNKTAEAQPSENKKTRYCNGLKMFLAALSLSFIAKTLGAIIMKSSIIH
IERRFEISSSLVGFIDGSFEIGNLLVIVFVSYFGSKLHRPKLIGIGCFIMGIGGVLTALPHFFMGYYRYSKETNINSSEN
STSTLSTCLINQILSLNRASPEIVGKGCLKESGSYMWIYVFMGNMLRGIGETPIVPLGLSYIDDFAKEGHSSLYLGILNA
IAMIGPIIGFTLGSLFSKMYVDIGYVDLSTIRITPTDSRWVGAWWLNFLVSGLFSIISSIPFFFLPQTPNKPQKERKASL
SLHVLETNDEKDQTANLTNQGKNITKNVTGFFQSFKSILTNPLYVMFVLLTLLQVSSYIGAFTYVFKYVEQQYGQPSSKA
NILLGVITIPIFASGMFLGGYIIKKFKLNTVGIAKFSCFTAVMSLSFYLLYFFILCENKSVAGLTMTYDGNNPVTSHRDV
PLSYCNSDCNCDESQWEPVCGNNGITYISPCLAGCKSSSGNKKPIVFYNCSCLEVTGLQNRNYSAHLGECPRDDACTRKF
YFFVAIQVLNLFFSALGGTSHVMLIVKIVQPELKSLALGFHSMVIRALGGILAPIYFGALIDTTCIKWSTNNCGTRGSCR
TYNSTSFSRVYLGLSSMLRVSSLVLYIILIYAMKKKYQEKDINASENGSVMDEANLESLNKNKHFVPSAGADSETHC
;
A
2 'polypeptide(L)'
;GSSSQVQLVESGGGLVQAGGSLRLSCAASGFPVNLSYMHWYRQAPGKEREWVAAISSWGWHTEYADSVKGRFTISRDNAK
NTVYLQMNSLKPEDTAVYYCHVRVGRSYFGQGTQVSVSAGRAGEQKLISEEDLNSAVDHHHHHH
;
B
#
# COMPACT_ATOMS: atom_id res chain seq x y z
N CYS A 50 -26.25 23.42 15.53
CA CYS A 50 -26.00 23.13 14.12
C CYS A 50 -26.95 23.95 13.24
N ASN A 51 -26.38 24.82 12.42
CA ASN A 51 -27.18 25.72 11.59
C ASN A 51 -26.90 25.51 10.11
N GLY A 52 -26.88 24.25 9.68
CA GLY A 52 -26.73 23.94 8.26
C GLY A 52 -25.31 23.67 7.83
N LEU A 53 -24.40 24.62 8.04
CA LEU A 53 -23.02 24.42 7.61
C LEU A 53 -22.28 23.47 8.55
N LYS A 54 -22.66 23.44 9.83
CA LYS A 54 -22.01 22.54 10.78
C LYS A 54 -22.35 21.09 10.48
N MET A 55 -23.56 20.82 9.97
CA MET A 55 -23.93 19.49 9.52
C MET A 55 -23.07 19.05 8.34
N PHE A 56 -22.84 19.95 7.40
CA PHE A 56 -21.96 19.65 6.27
C PHE A 56 -20.53 19.44 6.74
N LEU A 57 -20.10 20.20 7.74
CA LEU A 57 -18.75 20.07 8.27
C LEU A 57 -18.55 18.71 8.93
N ALA A 58 -19.56 18.24 9.67
CA ALA A 58 -19.49 16.92 10.29
C ALA A 58 -19.52 15.81 9.25
N ALA A 59 -20.38 15.95 8.22
CA ALA A 59 -20.46 14.94 7.18
C ALA A 59 -19.19 14.86 6.35
N LEU A 60 -18.60 16.02 6.04
CA LEU A 60 -17.33 16.05 5.31
C LEU A 60 -16.19 15.53 6.17
N SER A 61 -16.25 15.74 7.49
CA SER A 61 -15.30 15.12 8.39
C SER A 61 -15.39 13.61 8.36
N LEU A 62 -16.61 13.09 8.32
CA LEU A 62 -16.83 11.65 8.22
C LEU A 62 -16.31 11.10 6.90
N SER A 63 -16.47 11.87 5.81
CA SER A 63 -15.91 11.47 4.52
C SER A 63 -14.39 11.51 4.50
N PHE A 64 -13.79 12.48 5.20
CA PHE A 64 -12.33 12.52 5.32
C PHE A 64 -11.81 11.30 6.07
N ILE A 65 -12.50 10.91 7.15
CA ILE A 65 -12.16 9.69 7.88
C ILE A 65 -12.29 8.47 6.98
N ALA A 66 -13.36 8.42 6.18
CA ALA A 66 -13.61 7.29 5.29
C ALA A 66 -12.54 7.16 4.21
N LYS A 67 -12.12 8.28 3.61
CA LYS A 67 -11.15 8.20 2.52
C LYS A 67 -9.74 7.90 3.04
N THR A 68 -9.35 8.45 4.21
CA THR A 68 -8.05 8.10 4.76
C THR A 68 -8.02 6.67 5.28
N LEU A 69 -9.15 6.20 5.82
CA LEU A 69 -9.27 4.81 6.23
C LEU A 69 -9.15 3.87 5.04
N GLY A 70 -9.80 4.21 3.92
CA GLY A 70 -9.70 3.39 2.73
C GLY A 70 -8.30 3.34 2.16
N ALA A 71 -7.58 4.47 2.21
CA ALA A 71 -6.19 4.49 1.77
C ALA A 71 -5.30 3.60 2.63
N ILE A 72 -5.48 3.66 3.96
CA ILE A 72 -4.66 2.85 4.86
C ILE A 72 -4.98 1.36 4.71
N ILE A 73 -6.27 1.04 4.52
CA ILE A 73 -6.69 -0.34 4.30
C ILE A 73 -6.11 -0.90 2.99
N MET A 74 -6.16 -0.12 1.91
CA MET A 74 -5.61 -0.57 0.64
C MET A 74 -4.10 -0.73 0.71
N LYS A 75 -3.42 0.11 1.50
CA LYS A 75 -1.98 -0.07 1.67
C LYS A 75 -1.66 -1.30 2.51
N SER A 76 -2.45 -1.58 3.53
CA SER A 76 -2.11 -2.63 4.49
C SER A 76 -2.46 -4.03 4.01
N SER A 77 -3.56 -4.19 3.26
CA SER A 77 -4.03 -5.52 2.89
C SER A 77 -3.38 -6.07 1.63
N ILE A 78 -2.42 -5.33 1.06
CA ILE A 78 -1.93 -5.64 -0.28
C ILE A 78 -1.02 -6.88 -0.27
N ILE A 79 -0.40 -7.18 0.87
CA ILE A 79 0.44 -8.38 0.98
C ILE A 79 -0.44 -9.63 0.95
N HIS A 80 -1.54 -9.60 1.70
CA HIS A 80 -2.49 -10.71 1.69
C HIS A 80 -3.15 -10.86 0.33
N ILE A 81 -3.42 -9.74 -0.35
CA ILE A 81 -3.99 -9.80 -1.70
C ILE A 81 -3.01 -10.46 -2.68
N GLU A 82 -1.73 -10.07 -2.61
CA GLU A 82 -0.71 -10.66 -3.48
C GLU A 82 -0.52 -12.14 -3.18
N ARG A 83 -0.65 -12.54 -1.92
CA ARG A 83 -0.52 -13.96 -1.59
C ARG A 83 -1.74 -14.76 -2.05
N ARG A 84 -2.94 -14.22 -1.85
CA ARG A 84 -4.16 -14.97 -2.15
C ARG A 84 -4.38 -15.11 -3.65
N PHE A 85 -4.21 -14.02 -4.40
CA PHE A 85 -4.47 -14.10 -5.83
C PHE A 85 -3.29 -14.62 -6.63
N GLU A 86 -2.15 -14.85 -5.97
CA GLU A 86 -0.93 -15.40 -6.58
C GLU A 86 -0.44 -14.55 -7.75
N ILE A 87 -0.53 -13.24 -7.62
CA ILE A 87 -0.15 -12.31 -8.67
C ILE A 87 1.25 -11.80 -8.41
N SER A 88 1.90 -11.32 -9.46
CA SER A 88 3.29 -10.89 -9.38
C SER A 88 3.39 -9.46 -8.84
N SER A 89 4.62 -8.97 -8.77
CA SER A 89 4.87 -7.64 -8.22
C SER A 89 4.43 -6.54 -9.19
N SER A 90 4.61 -6.77 -10.49
CA SER A 90 4.19 -5.78 -11.48
C SER A 90 2.68 -5.64 -11.52
N LEU A 91 1.96 -6.76 -11.44
CA LEU A 91 0.51 -6.73 -11.45
C LEU A 91 -0.05 -6.08 -10.19
N VAL A 92 0.56 -6.34 -9.04
CA VAL A 92 0.04 -5.75 -7.81
C VAL A 92 0.41 -4.27 -7.74
N GLY A 93 1.51 -3.88 -8.38
CA GLY A 93 1.80 -2.47 -8.56
C GLY A 93 0.82 -1.78 -9.49
N PHE A 94 0.37 -2.49 -10.52
CA PHE A 94 -0.67 -1.97 -11.41
C PHE A 94 -1.98 -1.78 -10.67
N ILE A 95 -2.33 -2.72 -9.79
CA ILE A 95 -3.55 -2.58 -8.97
C ILE A 95 -3.42 -1.43 -7.99
N ASP A 96 -2.22 -1.23 -7.43
CA ASP A 96 -1.97 -0.09 -6.56
C ASP A 96 -2.09 1.24 -7.31
N GLY A 97 -1.54 1.31 -8.53
CA GLY A 97 -1.60 2.51 -9.33
C GLY A 97 -2.92 2.77 -10.01
N SER A 98 -3.84 1.80 -9.95
CA SER A 98 -5.19 2.00 -10.46
C SER A 98 -5.92 3.13 -9.76
N PHE A 99 -5.61 3.37 -8.49
CA PHE A 99 -6.23 4.49 -7.76
C PHE A 99 -5.79 5.82 -8.35
N GLU A 100 -4.50 5.94 -8.68
CA GLU A 100 -3.99 7.13 -9.37
C GLU A 100 -4.62 7.28 -10.75
N ILE A 101 -4.74 6.16 -11.47
CA ILE A 101 -5.30 6.17 -12.82
C ILE A 101 -6.75 6.65 -12.80
N GLY A 102 -7.53 6.13 -11.86
CA GLY A 102 -8.91 6.59 -11.73
C GLY A 102 -9.05 8.01 -11.25
N ASN A 103 -8.20 8.42 -10.28
CA ASN A 103 -8.35 9.71 -9.64
C ASN A 103 -7.94 10.86 -10.57
N LEU A 104 -6.79 10.71 -11.24
CA LEU A 104 -6.20 11.82 -11.97
C LEU A 104 -6.98 12.14 -13.24
N LEU A 105 -7.58 11.13 -13.87
CA LEU A 105 -8.23 11.35 -15.15
C LEU A 105 -9.59 12.01 -14.99
N VAL A 106 -10.14 12.04 -13.78
CA VAL A 106 -11.46 12.63 -13.55
C VAL A 106 -11.46 13.79 -12.57
N ILE A 107 -10.36 14.05 -11.86
CA ILE A 107 -10.40 15.03 -10.77
C ILE A 107 -10.61 16.45 -11.29
N VAL A 108 -9.99 16.78 -12.43
CA VAL A 108 -10.08 18.13 -12.96
C VAL A 108 -11.48 18.40 -13.50
N PHE A 109 -12.04 17.43 -14.21
CA PHE A 109 -13.36 17.60 -14.80
C PHE A 109 -14.45 17.59 -13.74
N VAL A 110 -14.32 16.74 -12.72
CA VAL A 110 -15.29 16.73 -11.62
C VAL A 110 -15.23 18.04 -10.84
N SER A 111 -14.01 18.55 -10.59
CA SER A 111 -13.85 19.80 -9.87
C SER A 111 -14.41 20.98 -10.66
N TYR A 112 -14.24 20.98 -11.98
CA TYR A 112 -14.81 22.06 -12.77
C TYR A 112 -16.33 21.98 -12.84
N PHE A 113 -16.87 20.83 -13.26
CA PHE A 113 -18.29 20.73 -13.56
C PHE A 113 -19.16 20.63 -12.32
N GLY A 114 -18.63 20.12 -11.20
CA GLY A 114 -19.40 20.03 -9.99
C GLY A 114 -19.48 21.29 -9.16
N SER A 115 -18.75 22.34 -9.56
CA SER A 115 -18.82 23.60 -8.82
C SER A 115 -20.10 24.35 -9.08
N LYS A 116 -20.79 24.03 -10.18
CA LYS A 116 -22.06 24.65 -10.51
C LYS A 116 -23.26 23.79 -10.16
N LEU A 117 -23.05 22.52 -9.82
CA LEU A 117 -24.14 21.61 -9.52
C LEU A 117 -24.34 21.54 -8.01
N HIS A 118 -25.18 20.60 -7.57
CA HIS A 118 -25.43 20.35 -6.16
C HIS A 118 -24.20 19.67 -5.57
N ARG A 119 -23.32 20.48 -4.96
CA ARG A 119 -22.04 19.99 -4.46
C ARG A 119 -22.15 18.91 -3.37
N PRO A 120 -22.98 19.05 -2.30
CA PRO A 120 -23.07 17.92 -1.35
C PRO A 120 -23.63 16.65 -1.96
N LYS A 121 -24.52 16.78 -2.94
CA LYS A 121 -25.05 15.60 -3.63
C LYS A 121 -23.95 14.87 -4.39
N LEU A 122 -23.05 15.61 -5.06
CA LEU A 122 -21.94 14.96 -5.75
C LEU A 122 -20.92 14.38 -4.78
N ILE A 123 -20.71 15.00 -3.60
CA ILE A 123 -19.82 14.40 -2.62
C ILE A 123 -20.42 13.11 -2.06
N GLY A 124 -21.74 13.09 -1.86
CA GLY A 124 -22.40 11.86 -1.44
C GLY A 124 -22.37 10.78 -2.50
N ILE A 125 -22.49 11.17 -3.78
CA ILE A 125 -22.37 10.22 -4.89
C ILE A 125 -20.97 9.64 -4.93
N GLY A 126 -19.94 10.48 -4.70
CA GLY A 126 -18.57 9.97 -4.65
C GLY A 126 -18.32 9.04 -3.49
N CYS A 127 -18.88 9.35 -2.31
CA CYS A 127 -18.74 8.46 -1.16
C CYS A 127 -19.47 7.14 -1.39
N PHE A 128 -20.63 7.19 -2.05
CA PHE A 128 -21.33 5.97 -2.45
C PHE A 128 -20.50 5.16 -3.45
N ILE A 129 -19.83 5.84 -4.37
CA ILE A 129 -19.03 5.17 -5.39
C ILE A 129 -17.82 4.48 -4.77
N MET A 130 -17.15 5.14 -3.81
CA MET A 130 -16.01 4.48 -3.16
C MET A 130 -16.49 3.39 -2.21
N GLY A 131 -17.72 3.49 -1.70
CA GLY A 131 -18.30 2.37 -0.98
C GLY A 131 -18.57 1.15 -1.85
N ILE A 132 -19.11 1.38 -3.05
CA ILE A 132 -19.32 0.29 -4.01
C ILE A 132 -17.99 -0.31 -4.43
N GLY A 133 -16.96 0.52 -4.59
CA GLY A 133 -15.63 0.00 -4.87
C GLY A 133 -15.06 -0.82 -3.73
N GLY A 134 -15.30 -0.40 -2.49
CA GLY A 134 -14.86 -1.19 -1.35
C GLY A 134 -15.57 -2.52 -1.23
N VAL A 135 -16.86 -2.57 -1.55
CA VAL A 135 -17.57 -3.84 -1.57
C VAL A 135 -17.09 -4.72 -2.72
N LEU A 136 -16.87 -4.12 -3.90
CA LEU A 136 -16.44 -4.87 -5.08
C LEU A 136 -15.03 -5.40 -4.92
N THR A 137 -14.20 -4.76 -4.11
CA THR A 137 -12.86 -5.30 -3.83
C THR A 137 -12.95 -6.59 -3.02
N ALA A 138 -13.86 -6.64 -2.05
CA ALA A 138 -14.04 -7.82 -1.22
C ALA A 138 -14.87 -8.90 -1.90
N LEU A 139 -15.58 -8.55 -2.99
CA LEU A 139 -16.38 -9.55 -3.69
C LEU A 139 -15.61 -10.72 -4.33
N PRO A 140 -14.32 -10.61 -4.72
CA PRO A 140 -13.59 -11.83 -5.13
C PRO A 140 -13.55 -12.95 -4.10
N HIS A 141 -13.49 -12.63 -2.81
CA HIS A 141 -13.44 -13.69 -1.80
C HIS A 141 -14.73 -14.49 -1.75
N PHE A 142 -15.87 -13.84 -1.97
CA PHE A 142 -17.15 -14.44 -1.66
C PHE A 142 -17.50 -15.56 -2.63
N PHE A 143 -16.97 -15.52 -3.85
CA PHE A 143 -17.24 -16.51 -4.88
C PHE A 143 -15.96 -16.93 -5.63
N MET A 144 -14.92 -17.29 -4.87
CA MET A 144 -13.75 -17.97 -5.42
C MET A 144 -13.49 -19.34 -4.84
N GLY A 145 -14.06 -19.69 -3.69
CA GLY A 145 -13.80 -20.97 -3.07
C GLY A 145 -12.74 -20.91 -1.99
N TYR A 146 -12.43 -22.09 -1.45
CA TYR A 146 -11.47 -22.20 -0.35
C TYR A 146 -10.05 -21.92 -0.81
N TYR A 147 -9.26 -21.35 0.08
CA TYR A 147 -7.86 -21.06 -0.18
C TYR A 147 -7.01 -22.26 0.20
N ARG A 148 -6.10 -22.64 -0.69
CA ARG A 148 -5.22 -23.77 -0.49
C ARG A 148 -3.76 -23.31 -0.57
N TYR A 149 -2.94 -23.83 0.34
CA TYR A 149 -1.55 -23.38 0.46
C TYR A 149 -0.53 -24.47 0.17
N SER A 150 -0.87 -25.73 0.42
CA SER A 150 0.05 -26.83 0.14
C SER A 150 -0.68 -28.00 -0.48
N THR A 164 19.86 -23.50 6.13
CA THR A 164 21.23 -23.22 5.70
C THR A 164 22.06 -22.68 6.85
N LEU A 165 22.90 -23.54 7.43
CA LEU A 165 23.78 -23.11 8.52
C LEU A 165 24.88 -22.20 8.01
N SER A 166 25.36 -22.46 6.79
CA SER A 166 26.41 -21.68 6.09
C SER A 166 27.70 -21.61 6.90
N THR A 167 28.28 -22.78 7.14
CA THR A 167 29.54 -22.90 7.86
C THR A 167 30.69 -23.09 6.88
N CYS A 168 31.90 -22.76 7.35
CA CYS A 168 33.08 -22.88 6.51
C CYS A 168 33.45 -24.36 6.34
N LEU A 169 33.43 -24.83 5.10
CA LEU A 169 33.70 -26.21 4.79
C LEU A 169 35.16 -26.37 4.36
N ILE A 170 35.81 -27.41 4.88
CA ILE A 170 37.20 -27.68 4.54
C ILE A 170 37.33 -29.09 3.99
N SER A 194 -6.74 -16.51 -11.47
CA SER A 194 -5.63 -15.83 -12.14
C SER A 194 -6.13 -14.60 -12.88
N TYR A 195 -7.44 -14.40 -12.88
CA TYR A 195 -8.03 -13.21 -13.48
C TYR A 195 -8.97 -12.48 -12.53
N MET A 196 -9.03 -12.89 -11.27
CA MET A 196 -9.98 -12.29 -10.33
C MET A 196 -9.52 -10.95 -9.80
N TRP A 197 -8.22 -10.63 -9.94
CA TRP A 197 -7.68 -9.36 -9.47
C TRP A 197 -8.28 -8.16 -10.18
N ILE A 198 -8.89 -8.36 -11.36
CA ILE A 198 -9.61 -7.31 -12.06
C ILE A 198 -10.73 -6.75 -11.19
N TYR A 199 -11.42 -7.64 -10.45
CA TYR A 199 -12.43 -7.17 -9.50
C TYR A 199 -11.82 -6.33 -8.39
N VAL A 200 -10.58 -6.62 -8.01
CA VAL A 200 -9.85 -5.70 -7.15
C VAL A 200 -9.53 -4.42 -7.91
N PHE A 201 -8.99 -4.58 -9.13
CA PHE A 201 -8.39 -3.50 -9.91
C PHE A 201 -9.40 -2.39 -10.19
N MET A 202 -10.50 -2.75 -10.88
CA MET A 202 -11.57 -1.82 -11.16
C MET A 202 -12.19 -1.28 -9.88
N GLY A 203 -12.29 -2.13 -8.85
CA GLY A 203 -12.83 -1.68 -7.58
C GLY A 203 -11.97 -0.60 -6.96
N ASN A 204 -10.65 -0.78 -7.04
CA ASN A 204 -9.73 0.23 -6.55
C ASN A 204 -9.84 1.47 -7.44
N MET A 205 -10.01 1.24 -8.75
CA MET A 205 -10.22 2.33 -9.69
C MET A 205 -11.52 3.07 -9.39
N LEU A 206 -12.53 2.33 -8.92
CA LEU A 206 -13.78 2.98 -8.56
C LEU A 206 -13.58 3.83 -7.32
N ARG A 207 -12.71 3.37 -6.41
CA ARG A 207 -12.30 4.17 -5.26
C ARG A 207 -11.54 5.42 -5.70
N GLY A 208 -10.82 5.33 -6.82
CA GLY A 208 -10.20 6.51 -7.39
C GLY A 208 -11.19 7.55 -7.84
N ILE A 209 -12.36 7.10 -8.32
CA ILE A 209 -13.40 8.05 -8.69
C ILE A 209 -14.17 8.47 -7.43
N GLY A 210 -13.99 7.72 -6.35
CA GLY A 210 -14.76 7.98 -5.15
C GLY A 210 -14.27 9.15 -4.34
N GLU A 211 -12.96 9.23 -4.09
CA GLU A 211 -12.38 10.29 -3.28
C GLU A 211 -12.32 11.62 -4.04
N THR A 212 -12.57 11.58 -5.35
CA THR A 212 -12.43 12.73 -6.24
C THR A 212 -13.21 14.00 -5.87
N PRO A 213 -14.52 13.99 -5.57
CA PRO A 213 -15.19 15.26 -5.31
C PRO A 213 -15.07 15.77 -3.88
N ILE A 214 -14.17 15.22 -3.06
CA ILE A 214 -14.18 15.51 -1.63
C ILE A 214 -13.39 16.77 -1.31
N VAL A 215 -12.16 16.88 -1.79
CA VAL A 215 -11.34 18.06 -1.50
C VAL A 215 -11.84 19.29 -2.29
N PRO A 216 -11.94 19.31 -3.67
CA PRO A 216 -12.30 20.59 -4.31
C PRO A 216 -13.71 21.08 -4.04
N LEU A 217 -14.72 20.22 -4.26
CA LEU A 217 -16.11 20.63 -4.05
C LEU A 217 -16.41 20.87 -2.57
N GLY A 218 -15.85 20.02 -1.69
CA GLY A 218 -16.08 20.20 -0.27
C GLY A 218 -15.46 21.47 0.28
N LEU A 219 -14.21 21.75 -0.10
CA LEU A 219 -13.55 22.92 0.45
C LEU A 219 -14.06 24.21 -0.18
N SER A 220 -14.48 24.15 -1.45
CA SER A 220 -15.16 25.31 -2.05
C SER A 220 -16.50 25.56 -1.39
N TYR A 221 -17.26 24.50 -1.06
CA TYR A 221 -18.52 24.65 -0.34
C TYR A 221 -18.30 25.21 1.05
N ILE A 222 -17.22 24.81 1.71
CA ILE A 222 -16.93 25.31 3.06
C ILE A 222 -16.62 26.80 2.99
N ASP A 223 -15.72 27.20 2.09
CA ASP A 223 -15.15 28.53 2.22
C ASP A 223 -16.00 29.52 1.41
N ASP A 224 -16.93 29.03 0.60
CA ASP A 224 -17.91 29.92 -0.03
C ASP A 224 -18.93 30.43 0.98
N PHE A 225 -19.37 29.57 1.91
CA PHE A 225 -20.50 29.89 2.76
C PHE A 225 -20.14 30.15 4.21
N ALA A 226 -18.89 29.97 4.62
CA ALA A 226 -18.53 30.18 6.01
C ALA A 226 -18.42 31.67 6.32
N LYS A 227 -18.24 31.96 7.62
CA LYS A 227 -17.97 33.31 8.05
C LYS A 227 -16.57 33.74 7.60
N GLU A 228 -16.34 35.05 7.62
CA GLU A 228 -15.08 35.61 7.12
C GLU A 228 -13.95 35.26 8.09
N GLY A 229 -13.12 34.28 7.70
CA GLY A 229 -12.02 33.83 8.50
C GLY A 229 -12.24 32.52 9.21
N HIS A 230 -13.46 31.98 9.19
CA HIS A 230 -13.75 30.73 9.88
C HIS A 230 -13.35 29.49 9.10
N SER A 231 -13.02 29.62 7.81
CA SER A 231 -12.82 28.45 6.96
C SER A 231 -11.51 27.74 7.27
N SER A 232 -10.50 28.50 7.69
CA SER A 232 -9.21 27.90 8.05
C SER A 232 -9.33 27.02 9.28
N LEU A 233 -10.12 27.48 10.27
CA LEU A 233 -10.37 26.68 11.47
C LEU A 233 -11.10 25.38 11.14
N TYR A 234 -12.07 25.46 10.23
CA TYR A 234 -12.82 24.27 9.82
C TYR A 234 -11.93 23.29 9.09
N LEU A 235 -11.03 23.79 8.23
CA LEU A 235 -10.12 22.89 7.52
C LEU A 235 -9.09 22.27 8.47
N GLY A 236 -8.64 23.03 9.46
CA GLY A 236 -7.74 22.45 10.46
C GLY A 236 -8.43 21.37 11.29
N ILE A 237 -9.70 21.59 11.63
CA ILE A 237 -10.49 20.58 12.33
C ILE A 237 -10.69 19.34 11.45
N LEU A 238 -10.96 19.56 10.15
CA LEU A 238 -11.13 18.44 9.21
C LEU A 238 -9.85 17.62 9.08
N ASN A 239 -8.70 18.28 8.96
CA ASN A 239 -7.45 17.56 8.82
C ASN A 239 -7.01 16.91 10.14
N ALA A 240 -7.48 17.45 11.27
CA ALA A 240 -7.19 16.80 12.55
C ALA A 240 -8.04 15.56 12.74
N ILE A 241 -9.34 15.65 12.45
CA ILE A 241 -10.25 14.53 12.67
C ILE A 241 -10.08 13.49 11.56
N ALA A 242 -9.45 13.85 10.44
CA ALA A 242 -9.11 12.87 9.42
C ALA A 242 -8.04 11.88 9.89
N MET A 243 -7.35 12.16 10.98
CA MET A 243 -6.36 11.25 11.53
C MET A 243 -6.97 10.11 12.33
N ILE A 244 -8.28 10.14 12.60
CA ILE A 244 -8.96 8.98 13.18
C ILE A 244 -8.97 7.82 12.19
N GLY A 245 -9.01 8.13 10.90
CA GLY A 245 -9.03 7.15 9.84
C GLY A 245 -7.86 6.18 9.77
N PRO A 246 -6.62 6.69 9.79
CA PRO A 246 -5.46 5.77 9.89
C PRO A 246 -5.41 4.97 11.18
N ILE A 247 -5.91 5.51 12.29
CA ILE A 247 -5.93 4.74 13.55
C ILE A 247 -6.84 3.52 13.41
N ILE A 248 -8.04 3.74 12.88
CA ILE A 248 -8.97 2.65 12.59
C ILE A 248 -8.38 1.71 11.55
N GLY A 249 -7.66 2.27 10.57
CA GLY A 249 -7.08 1.46 9.51
C GLY A 249 -6.03 0.47 9.99
N PHE A 250 -5.03 0.96 10.73
CA PHE A 250 -4.01 0.05 11.24
C PHE A 250 -4.55 -0.86 12.34
N THR A 251 -5.50 -0.36 13.15
CA THR A 251 -6.11 -1.21 14.19
C THR A 251 -6.88 -2.38 13.57
N LEU A 252 -7.70 -2.09 12.57
CA LEU A 252 -8.49 -3.16 11.94
C LEU A 252 -7.64 -4.02 11.04
N GLY A 253 -6.56 -3.48 10.46
CA GLY A 253 -5.65 -4.31 9.70
C GLY A 253 -4.92 -5.32 10.57
N SER A 254 -4.43 -4.89 11.72
CA SER A 254 -3.79 -5.81 12.65
C SER A 254 -4.81 -6.77 13.27
N LEU A 255 -6.06 -6.33 13.41
CA LEU A 255 -7.10 -7.19 13.96
C LEU A 255 -7.50 -8.29 12.97
N PHE A 256 -7.70 -7.93 11.71
CA PHE A 256 -8.19 -8.86 10.71
C PHE A 256 -7.08 -9.61 10.00
N SER A 257 -5.82 -9.26 10.24
CA SER A 257 -4.72 -10.05 9.68
C SER A 257 -4.51 -11.33 10.47
N LYS A 258 -4.76 -11.29 11.78
CA LYS A 258 -4.59 -12.49 12.61
C LYS A 258 -5.68 -13.51 12.34
N MET A 259 -6.85 -13.07 11.88
CA MET A 259 -7.91 -14.00 11.51
C MET A 259 -7.57 -14.70 10.20
N TYR A 260 -8.01 -15.94 10.08
CA TYR A 260 -7.82 -16.67 8.83
C TYR A 260 -8.77 -16.13 7.75
N VAL A 261 -8.36 -16.30 6.49
CA VAL A 261 -9.14 -15.77 5.37
C VAL A 261 -10.45 -16.53 5.22
N ASP A 262 -10.48 -17.81 5.61
CA ASP A 262 -11.69 -18.62 5.55
C ASP A 262 -12.41 -18.68 6.88
N ILE A 263 -12.40 -17.56 7.64
CA ILE A 263 -13.13 -17.50 8.90
C ILE A 263 -14.62 -17.60 8.63
N GLY A 264 -15.31 -18.39 9.45
CA GLY A 264 -16.72 -18.64 9.25
C GLY A 264 -17.04 -19.68 8.19
N TYR A 265 -16.04 -20.23 7.52
CA TYR A 265 -16.25 -21.24 6.49
C TYR A 265 -15.64 -22.59 6.81
N VAL A 266 -14.56 -22.62 7.59
CA VAL A 266 -13.87 -23.86 7.92
C VAL A 266 -13.81 -24.02 9.43
N ASP A 267 -13.53 -25.24 9.87
CA ASP A 267 -13.23 -25.50 11.26
C ASP A 267 -11.80 -25.04 11.55
N LEU A 268 -11.65 -24.16 12.54
CA LEU A 268 -10.37 -23.48 12.74
C LEU A 268 -9.33 -24.36 13.43
N SER A 269 -9.75 -25.49 14.01
CA SER A 269 -8.78 -26.42 14.58
C SER A 269 -7.99 -27.14 13.50
N THR A 270 -8.58 -27.28 12.31
CA THR A 270 -7.88 -27.93 11.19
C THR A 270 -6.81 -27.06 10.57
N ILE A 271 -6.83 -25.75 10.82
CA ILE A 271 -5.87 -24.83 10.23
C ILE A 271 -4.58 -24.91 11.03
N ARG A 272 -3.49 -25.30 10.38
CA ARG A 272 -2.22 -25.51 11.05
C ARG A 272 -1.30 -24.30 10.99
N ILE A 273 -1.41 -23.47 9.95
CA ILE A 273 -0.44 -22.40 9.74
C ILE A 273 -0.72 -21.24 10.68
N THR A 274 0.32 -20.51 11.01
CA THR A 274 0.32 -19.35 11.90
C THR A 274 0.37 -18.07 11.07
N PRO A 275 0.07 -16.91 11.67
CA PRO A 275 0.33 -15.64 10.98
C PRO A 275 1.80 -15.37 10.70
N THR A 276 2.73 -16.03 11.40
CA THR A 276 4.14 -15.92 11.08
C THR A 276 4.57 -16.78 9.90
N ASP A 277 3.68 -17.65 9.41
CA ASP A 277 4.01 -18.52 8.29
C ASP A 277 4.01 -17.74 6.99
N SER A 278 4.83 -18.19 6.03
CA SER A 278 4.98 -17.49 4.76
C SER A 278 3.78 -17.67 3.84
N ARG A 279 2.90 -18.63 4.12
CA ARG A 279 1.72 -18.87 3.32
C ARG A 279 0.45 -18.34 3.97
N TRP A 280 0.57 -17.51 5.00
CA TRP A 280 -0.60 -17.02 5.71
C TRP A 280 -1.31 -15.94 4.91
N VAL A 281 -2.63 -16.07 4.81
CA VAL A 281 -3.48 -15.06 4.19
C VAL A 281 -4.53 -14.70 5.22
N GLY A 282 -4.57 -13.44 5.63
CA GLY A 282 -5.56 -12.97 6.58
C GLY A 282 -6.86 -12.61 5.92
N ALA A 283 -7.79 -12.12 6.72
CA ALA A 283 -9.11 -11.72 6.24
C ALA A 283 -9.04 -10.32 5.64
N TRP A 284 -8.40 -10.25 4.47
CA TRP A 284 -8.25 -8.99 3.74
C TRP A 284 -9.59 -8.47 3.24
N TRP A 285 -10.54 -9.38 2.98
CA TRP A 285 -11.86 -8.99 2.52
C TRP A 285 -12.65 -8.26 3.59
N LEU A 286 -12.37 -8.55 4.86
CA LEU A 286 -13.04 -7.89 5.96
C LEU A 286 -12.67 -6.42 6.02
N ASN A 287 -11.41 -6.10 5.72
CA ASN A 287 -10.93 -4.73 5.64
C ASN A 287 -11.71 -3.93 4.62
N PHE A 288 -11.89 -4.50 3.43
CA PHE A 288 -12.58 -3.79 2.36
C PHE A 288 -14.08 -3.73 2.59
N LEU A 289 -14.66 -4.75 3.23
CA LEU A 289 -16.07 -4.68 3.58
C LEU A 289 -16.34 -3.61 4.62
N VAL A 290 -15.47 -3.49 5.64
CA VAL A 290 -15.63 -2.46 6.66
C VAL A 290 -15.47 -1.07 6.05
N SER A 291 -14.45 -0.90 5.19
CA SER A 291 -14.24 0.39 4.52
C SER A 291 -15.38 0.74 3.58
N GLY A 292 -15.89 -0.26 2.84
CA GLY A 292 -16.98 0.00 1.91
C GLY A 292 -18.28 0.36 2.58
N LEU A 293 -18.68 -0.39 3.60
CA LEU A 293 -19.88 0.00 4.33
C LEU A 293 -19.69 1.28 5.14
N PHE A 294 -18.48 1.60 5.57
CA PHE A 294 -18.26 2.89 6.22
C PHE A 294 -18.42 4.03 5.24
N SER A 295 -17.95 3.84 4.00
CA SER A 295 -18.14 4.86 2.97
C SER A 295 -19.62 4.99 2.58
N ILE A 296 -20.35 3.89 2.56
CA ILE A 296 -21.78 3.96 2.26
C ILE A 296 -22.55 4.67 3.38
N ILE A 297 -22.18 4.42 4.65
CA ILE A 297 -22.78 5.15 5.77
C ILE A 297 -22.45 6.63 5.71
N SER A 298 -21.19 6.96 5.40
CA SER A 298 -20.80 8.37 5.26
C SER A 298 -21.41 9.03 4.03
N SER A 299 -21.86 8.26 3.05
CA SER A 299 -22.58 8.83 1.91
C SER A 299 -24.00 9.26 2.24
N ILE A 300 -24.58 8.70 3.31
CA ILE A 300 -25.99 8.97 3.62
C ILE A 300 -26.30 10.43 3.97
N PRO A 301 -25.58 11.12 4.88
CA PRO A 301 -26.06 12.45 5.30
C PRO A 301 -25.96 13.53 4.24
N PHE A 302 -25.25 13.29 3.15
CA PHE A 302 -25.07 14.31 2.12
C PHE A 302 -26.34 14.53 1.31
N PHE A 303 -27.18 13.50 1.18
CA PHE A 303 -28.40 13.64 0.39
C PHE A 303 -29.49 14.41 1.13
N PHE A 304 -29.30 14.71 2.42
CA PHE A 304 -30.28 15.43 3.21
C PHE A 304 -29.88 16.89 3.44
N LEU A 305 -28.75 17.36 2.85
CA LEU A 305 -28.19 18.70 2.98
C LEU A 305 -28.65 19.60 1.84
N PRO A 306 -28.91 20.88 2.12
CA PRO A 306 -29.34 21.78 1.06
C PRO A 306 -28.20 22.22 0.17
N GLN A 307 -28.56 22.78 -0.99
CA GLN A 307 -27.55 23.28 -1.92
C GLN A 307 -26.88 24.54 -1.38
N THR A 308 -27.67 25.44 -0.77
CA THR A 308 -27.14 26.63 -0.14
C THR A 308 -27.63 26.66 1.31
N PRO A 309 -26.76 26.92 2.28
CA PRO A 309 -27.22 27.07 3.67
C PRO A 309 -28.19 28.21 3.87
N ASN A 310 -28.03 29.32 3.15
CA ASN A 310 -28.90 30.48 3.31
C ASN A 310 -29.74 30.71 2.07
N GLY A 350 -17.00 28.50 -19.83
CA GLY A 350 -16.49 27.32 -20.52
C GLY A 350 -15.35 26.67 -19.77
N PHE A 351 -15.09 25.39 -20.06
CA PHE A 351 -14.01 24.68 -19.39
C PHE A 351 -12.65 25.18 -19.85
N PHE A 352 -12.50 25.42 -21.15
CA PHE A 352 -11.21 25.80 -21.70
C PHE A 352 -10.85 27.24 -21.33
N GLN A 353 -11.83 28.14 -21.37
CA GLN A 353 -11.57 29.53 -20.99
C GLN A 353 -11.24 29.66 -19.52
N SER A 354 -11.95 28.91 -18.66
CA SER A 354 -11.67 28.92 -17.23
C SER A 354 -10.32 28.29 -16.92
N PHE A 355 -9.97 27.21 -17.61
CA PHE A 355 -8.67 26.57 -17.43
C PHE A 355 -7.55 27.48 -17.91
N LYS A 356 -7.79 28.25 -18.98
CA LYS A 356 -6.82 29.23 -19.44
C LYS A 356 -6.64 30.36 -18.44
N SER A 357 -7.75 30.84 -17.85
CA SER A 357 -7.67 31.90 -16.84
C SER A 357 -6.98 31.41 -15.59
N ILE A 358 -7.12 30.12 -15.28
CA ILE A 358 -6.39 29.52 -14.18
C ILE A 358 -4.89 29.44 -14.48
N LEU A 359 -4.53 28.97 -15.68
CA LEU A 359 -3.11 28.72 -15.97
C LEU A 359 -2.34 29.95 -16.41
N THR A 360 -3.01 31.06 -16.74
CA THR A 360 -2.29 32.28 -17.04
C THR A 360 -2.08 33.16 -15.82
N ASN A 361 -2.62 32.78 -14.68
CA ASN A 361 -2.38 33.53 -13.45
C ASN A 361 -0.98 33.21 -12.95
N PRO A 362 -0.10 34.21 -12.83
CA PRO A 362 1.29 33.89 -12.44
C PRO A 362 1.43 33.52 -10.97
N LEU A 363 0.60 34.11 -10.12
CA LEU A 363 0.60 33.76 -8.69
C LEU A 363 0.16 32.31 -8.50
N TYR A 364 -0.87 31.88 -9.23
CA TYR A 364 -1.33 30.50 -9.14
C TYR A 364 -0.28 29.51 -9.64
N VAL A 365 0.32 29.77 -10.80
CA VAL A 365 1.29 28.83 -11.37
C VAL A 365 2.54 28.74 -10.50
N MET A 366 3.00 29.89 -9.98
CA MET A 366 4.16 29.88 -9.10
C MET A 366 3.85 29.20 -7.78
N PHE A 367 2.60 29.36 -7.28
CA PHE A 367 2.18 28.67 -6.06
C PHE A 367 2.10 27.16 -6.27
N VAL A 368 1.61 26.72 -7.43
CA VAL A 368 1.49 25.29 -7.70
C VAL A 368 2.86 24.63 -7.86
N LEU A 369 3.78 25.29 -8.57
CA LEU A 369 5.14 24.77 -8.68
C LEU A 369 5.85 24.76 -7.31
N LEU A 370 5.62 25.81 -6.52
CA LEU A 370 6.17 25.94 -5.18
C LEU A 370 5.71 24.82 -4.24
N THR A 371 4.39 24.62 -4.15
CA THR A 371 3.87 23.55 -3.30
C THR A 371 4.16 22.18 -3.87
N LEU A 372 4.32 22.06 -5.19
CA LEU A 372 4.74 20.79 -5.77
C LEU A 372 6.14 20.43 -5.32
N LEU A 373 7.06 21.39 -5.29
CA LEU A 373 8.41 21.13 -4.80
C LEU A 373 8.41 20.79 -3.31
N GLN A 374 7.60 21.51 -2.52
CA GLN A 374 7.56 21.27 -1.07
C GLN A 374 6.96 19.89 -0.74
N VAL A 375 5.81 19.56 -1.33
CA VAL A 375 5.17 18.28 -1.10
C VAL A 375 5.98 17.13 -1.70
N SER A 376 6.71 17.39 -2.80
CA SER A 376 7.62 16.39 -3.35
C SER A 376 8.74 16.06 -2.36
N SER A 377 9.29 17.08 -1.70
CA SER A 377 10.28 16.84 -0.66
C SER A 377 9.69 16.09 0.53
N TYR A 378 8.45 16.43 0.91
CA TYR A 378 7.76 15.75 2.00
C TYR A 378 7.59 14.26 1.72
N ILE A 379 7.06 13.93 0.54
CA ILE A 379 6.76 12.54 0.20
C ILE A 379 8.04 11.75 -0.02
N GLY A 380 9.03 12.35 -0.69
CA GLY A 380 10.29 11.65 -0.91
C GLY A 380 11.07 11.44 0.37
N ALA A 381 10.92 12.34 1.35
CA ALA A 381 11.51 12.10 2.66
C ALA A 381 10.77 10.98 3.37
N PHE A 382 9.45 11.13 3.55
CA PHE A 382 8.65 10.24 4.38
C PHE A 382 8.59 8.82 3.83
N THR A 383 8.81 8.64 2.53
CA THR A 383 8.87 7.30 1.97
C THR A 383 10.10 6.53 2.48
N TYR A 384 11.21 7.22 2.74
CA TYR A 384 12.46 6.55 3.09
C TYR A 384 13.04 6.99 4.42
N VAL A 385 12.26 7.66 5.28
CA VAL A 385 12.69 7.96 6.65
C VAL A 385 13.09 6.69 7.38
N PHE A 386 12.28 5.63 7.28
CA PHE A 386 12.56 4.40 8.02
C PHE A 386 13.76 3.65 7.45
N LYS A 387 13.95 3.69 6.13
CA LYS A 387 15.14 3.09 5.54
C LYS A 387 16.40 3.87 5.92
N TYR A 388 16.29 5.20 5.98
CA TYR A 388 17.42 6.02 6.41
C TYR A 388 17.75 5.79 7.88
N VAL A 389 16.73 5.61 8.72
CA VAL A 389 16.92 5.30 10.14
C VAL A 389 17.58 3.94 10.29
N GLU A 390 17.13 2.96 9.49
CA GLU A 390 17.71 1.62 9.53
C GLU A 390 19.17 1.63 9.11
N GLN A 391 19.51 2.40 8.07
CA GLN A 391 20.87 2.35 7.57
C GLN A 391 21.83 3.23 8.35
N GLN A 392 21.39 4.39 8.84
CA GLN A 392 22.28 5.32 9.51
C GLN A 392 22.47 5.02 10.98
N TYR A 393 21.38 4.80 11.72
CA TYR A 393 21.46 4.58 13.15
C TYR A 393 21.26 3.13 13.57
N GLY A 394 20.90 2.25 12.64
CA GLY A 394 20.79 0.84 12.95
C GLY A 394 19.52 0.42 13.63
N GLN A 395 18.58 1.33 13.82
CA GLN A 395 17.33 1.01 14.49
C GLN A 395 16.39 0.26 13.55
N PRO A 396 15.55 -0.64 14.07
CA PRO A 396 14.57 -1.29 13.20
C PRO A 396 13.45 -0.34 12.81
N SER A 397 12.83 -0.64 11.66
CA SER A 397 11.77 0.19 11.11
C SER A 397 10.49 0.05 11.90
N GLY A 405 3.77 6.06 14.80
CA GLY A 405 2.76 7.10 14.92
C GLY A 405 1.99 7.04 16.22
N VAL A 406 2.62 6.49 17.26
CA VAL A 406 1.98 6.41 18.57
C VAL A 406 1.84 7.80 19.18
N ILE A 407 2.90 8.59 19.14
CA ILE A 407 2.89 9.95 19.63
C ILE A 407 2.79 10.96 18.49
N THR A 408 3.20 10.58 17.27
CA THR A 408 3.27 11.48 16.12
C THR A 408 1.89 11.98 15.69
N ILE A 409 0.88 11.11 15.73
CA ILE A 409 -0.46 11.49 15.24
C ILE A 409 -1.11 12.60 16.06
N PRO A 410 -1.09 12.58 17.42
CA PRO A 410 -1.57 13.79 18.15
C PRO A 410 -0.75 15.03 17.90
N ILE A 411 0.57 14.91 17.66
CA ILE A 411 1.40 16.07 17.35
C ILE A 411 0.99 16.68 16.01
N PHE A 412 0.74 15.84 15.01
CA PHE A 412 0.31 16.32 13.69
C PHE A 412 -1.07 16.93 13.77
N ALA A 413 -1.99 16.31 14.53
CA ALA A 413 -3.35 16.84 14.65
C ALA A 413 -3.36 18.18 15.36
N SER A 414 -2.58 18.29 16.44
CA SER A 414 -2.48 19.55 17.18
C SER A 414 -1.81 20.63 16.34
N GLY A 415 -0.82 20.25 15.53
CA GLY A 415 -0.18 21.22 14.65
C GLY A 415 -1.11 21.73 13.56
N MET A 416 -1.91 20.83 12.96
CA MET A 416 -2.87 21.24 11.94
C MET A 416 -3.93 22.17 12.51
N PHE A 417 -4.51 21.78 13.67
CA PHE A 417 -5.53 22.60 14.31
C PHE A 417 -4.96 23.93 14.77
N LEU A 418 -3.73 23.94 15.28
CA LEU A 418 -3.12 25.16 15.75
C LEU A 418 -2.74 26.09 14.61
N GLY A 419 -2.36 25.55 13.45
CA GLY A 419 -2.12 26.39 12.29
C GLY A 419 -3.39 27.06 11.80
N GLY A 420 -4.49 26.29 11.71
CA GLY A 420 -5.76 26.88 11.36
C GLY A 420 -6.25 27.90 12.37
N TYR A 421 -6.00 27.64 13.66
CA TYR A 421 -6.42 28.55 14.71
C TYR A 421 -5.58 29.82 14.71
N ILE A 422 -4.29 29.72 14.39
CA ILE A 422 -3.44 30.89 14.27
C ILE A 422 -3.90 31.77 13.12
N ILE A 423 -4.24 31.15 11.98
CA ILE A 423 -4.75 31.90 10.83
C ILE A 423 -6.08 32.59 11.16
N LYS A 424 -6.96 31.89 11.88
CA LYS A 424 -8.26 32.48 12.20
C LYS A 424 -8.15 33.58 13.25
N LYS A 425 -7.38 33.34 14.31
CA LYS A 425 -7.36 34.28 15.44
C LYS A 425 -6.52 35.51 15.13
N PHE A 426 -5.43 35.36 14.37
CA PHE A 426 -4.62 36.52 14.04
C PHE A 426 -5.18 37.30 12.85
N LYS A 427 -6.23 36.79 12.19
CA LYS A 427 -6.95 37.45 11.11
C LYS A 427 -6.04 37.81 9.94
N LEU A 428 -5.26 36.83 9.48
CA LEU A 428 -4.31 37.05 8.40
C LEU A 428 -5.03 37.26 7.08
N ASN A 429 -4.48 38.13 6.25
CA ASN A 429 -4.93 38.29 4.88
C ASN A 429 -4.18 37.29 4.00
N THR A 430 -4.25 37.47 2.67
CA THR A 430 -3.56 36.58 1.75
C THR A 430 -2.05 36.66 1.93
N VAL A 431 -1.53 37.89 2.06
CA VAL A 431 -0.11 38.11 2.27
C VAL A 431 0.30 37.59 3.64
N GLY A 432 -0.56 37.74 4.64
CA GLY A 432 -0.24 37.22 5.97
C GLY A 432 -0.19 35.71 6.03
N ILE A 433 -1.14 35.04 5.36
CA ILE A 433 -1.13 33.58 5.29
C ILE A 433 0.11 33.10 4.54
N ALA A 434 0.48 33.82 3.47
CA ALA A 434 1.69 33.49 2.73
C ALA A 434 2.95 33.63 3.58
N LYS A 435 3.06 34.70 4.36
CA LYS A 435 4.20 34.86 5.26
C LYS A 435 4.21 33.82 6.37
N PHE A 436 3.03 33.43 6.87
CA PHE A 436 2.95 32.41 7.91
C PHE A 436 3.43 31.05 7.40
N SER A 437 2.96 30.66 6.20
CA SER A 437 3.40 29.40 5.60
C SER A 437 4.88 29.43 5.26
N CYS A 438 5.36 30.57 4.74
CA CYS A 438 6.78 30.74 4.45
C CYS A 438 7.61 30.62 5.72
N PHE A 439 7.17 31.22 6.82
CA PHE A 439 7.94 31.16 8.06
C PHE A 439 7.96 29.76 8.64
N THR A 440 6.84 29.03 8.55
CA THR A 440 6.83 27.66 9.03
C THR A 440 7.75 26.77 8.22
N ALA A 441 7.83 26.99 6.90
CA ALA A 441 8.73 26.15 6.11
C ALA A 441 10.20 26.59 6.22
N VAL A 442 10.47 27.88 6.44
CA VAL A 442 11.83 28.31 6.77
C VAL A 442 12.29 27.66 8.07
N MET A 443 11.40 27.63 9.07
CA MET A 443 11.76 27.00 10.34
C MET A 443 11.89 25.49 10.19
N SER A 444 11.09 24.88 9.31
CA SER A 444 11.21 23.46 9.04
C SER A 444 12.54 23.11 8.36
N LEU A 445 12.98 23.92 7.40
CA LEU A 445 14.27 23.66 6.77
C LEU A 445 15.42 24.01 7.72
N SER A 446 15.22 25.01 8.58
CA SER A 446 16.22 25.36 9.58
C SER A 446 16.44 24.23 10.56
N PHE A 447 15.37 23.52 10.91
CA PHE A 447 15.53 22.30 11.71
C PHE A 447 16.03 21.12 10.88
N TYR A 448 15.71 21.07 9.59
CA TYR A 448 16.16 20.00 8.72
C TYR A 448 17.66 20.03 8.48
N LEU A 449 18.26 21.23 8.49
CA LEU A 449 19.67 21.37 8.16
C LEU A 449 20.60 20.87 9.27
N LEU A 450 20.08 20.52 10.45
CA LEU A 450 20.90 19.90 11.49
C LEU A 450 21.21 18.44 11.21
N TYR A 451 20.64 17.84 10.17
CA TYR A 451 20.83 16.42 9.89
C TYR A 451 22.21 16.11 9.36
N PHE A 452 22.96 17.11 8.90
CA PHE A 452 24.31 16.88 8.42
C PHE A 452 25.35 16.84 9.54
N PHE A 453 24.94 17.11 10.78
CA PHE A 453 25.87 17.18 11.90
C PHE A 453 25.72 16.05 12.91
N ILE A 454 24.69 15.21 12.76
CA ILE A 454 24.44 14.12 13.70
C ILE A 454 24.65 12.79 13.00
N LEU A 455 25.48 12.79 11.95
CA LEU A 455 25.74 11.59 11.17
C LEU A 455 26.69 10.68 11.93
N CYS A 456 26.23 9.47 12.27
CA CYS A 456 27.10 8.50 12.89
C CYS A 456 28.04 7.91 11.84
N GLU A 457 29.12 7.27 12.30
CA GLU A 457 30.15 6.77 11.41
C GLU A 457 29.67 5.57 10.61
N ASN A 458 30.40 5.25 9.54
CA ASN A 458 30.04 4.16 8.65
C ASN A 458 30.21 2.82 9.32
N LYS A 459 29.38 1.86 8.90
CA LYS A 459 29.50 0.49 9.38
C LYS A 459 30.79 -0.14 8.86
N SER A 460 31.44 -0.91 9.71
CA SER A 460 32.59 -1.72 9.33
C SER A 460 32.07 -3.12 9.02
N VAL A 461 31.88 -3.42 7.73
CA VAL A 461 31.44 -4.72 7.27
C VAL A 461 32.58 -5.33 6.48
N ALA A 462 32.96 -6.55 6.84
CA ALA A 462 34.09 -7.23 6.19
C ALA A 462 33.71 -7.63 4.77
N GLY A 463 34.55 -7.26 3.81
CA GLY A 463 34.28 -7.56 2.43
C GLY A 463 33.45 -6.51 1.70
N LEU A 464 33.04 -5.44 2.36
CA LEU A 464 32.30 -4.37 1.70
C LEU A 464 33.00 -3.02 1.81
N THR A 465 33.41 -2.62 3.01
CA THR A 465 34.15 -1.38 3.20
C THR A 465 35.64 -1.61 3.44
N MET A 466 36.01 -2.79 3.91
CA MET A 466 37.41 -3.18 4.03
C MET A 466 37.57 -4.53 3.33
N THR A 467 38.72 -5.14 3.54
CA THR A 467 38.90 -6.51 3.09
C THR A 467 38.24 -7.48 4.05
N TYR A 468 38.32 -8.78 3.72
CA TYR A 468 37.65 -9.78 4.55
C TYR A 468 38.37 -10.00 5.86
N ASP A 469 39.69 -9.79 5.89
CA ASP A 469 40.44 -9.92 7.15
C ASP A 469 40.39 -8.66 8.00
N GLY A 470 39.92 -7.55 7.45
CA GLY A 470 39.82 -6.30 8.19
C GLY A 470 41.12 -5.59 8.42
N ASN A 471 42.16 -5.87 7.64
CA ASN A 471 43.47 -5.24 7.84
C ASN A 471 43.73 -4.11 6.86
N ASN A 472 43.17 -4.17 5.66
CA ASN A 472 43.40 -3.16 4.63
C ASN A 472 42.07 -2.66 4.09
N PRO A 473 41.87 -1.34 4.03
CA PRO A 473 40.69 -0.81 3.34
C PRO A 473 40.77 -1.07 1.83
N VAL A 474 39.59 -1.16 1.22
CA VAL A 474 39.48 -1.46 -0.20
C VAL A 474 39.34 -0.17 -0.98
N THR A 475 39.67 -0.23 -2.27
CA THR A 475 39.49 0.93 -3.14
C THR A 475 38.01 1.19 -3.41
N SER A 476 37.23 0.13 -3.64
CA SER A 476 35.81 0.25 -3.93
C SER A 476 35.14 -1.05 -3.50
N HIS A 477 33.83 -1.12 -3.69
CA HIS A 477 33.06 -2.30 -3.32
C HIS A 477 32.76 -3.21 -4.51
N ARG A 478 33.32 -2.91 -5.69
CA ARG A 478 33.03 -3.68 -6.89
C ARG A 478 34.05 -4.78 -7.05
N ASP A 479 33.63 -6.02 -6.80
CA ASP A 479 34.40 -7.25 -7.00
C ASP A 479 35.70 -7.25 -6.20
N VAL A 480 35.54 -7.22 -4.88
CA VAL A 480 36.66 -7.22 -3.94
C VAL A 480 37.32 -8.60 -3.93
N PRO A 481 38.63 -8.69 -3.72
CA PRO A 481 39.27 -10.01 -3.63
C PRO A 481 38.97 -10.69 -2.31
N LEU A 482 39.17 -12.01 -2.30
CA LEU A 482 38.92 -12.83 -1.13
C LEU A 482 40.20 -12.87 -0.27
N SER A 483 40.08 -13.27 0.99
CA SER A 483 41.22 -13.28 1.91
C SER A 483 41.66 -14.71 2.16
N TYR A 484 42.81 -14.84 2.84
CA TYR A 484 43.41 -16.14 3.10
C TYR A 484 42.78 -16.88 4.26
N CYS A 485 41.93 -16.21 5.05
CA CYS A 485 41.30 -16.88 6.19
C CYS A 485 40.19 -17.83 5.74
N ASN A 486 39.66 -17.64 4.54
CA ASN A 486 38.60 -18.46 3.99
C ASN A 486 38.89 -18.84 2.54
N SER A 487 40.11 -19.32 2.28
CA SER A 487 40.54 -19.60 0.92
C SER A 487 39.86 -20.85 0.34
N ASP A 488 39.28 -21.69 1.20
CA ASP A 488 38.53 -22.84 0.70
C ASP A 488 37.24 -22.38 0.01
N CYS A 489 36.37 -21.71 0.77
CA CYS A 489 35.23 -20.94 0.27
C CYS A 489 34.24 -21.79 -0.52
N ASN A 490 33.62 -22.73 0.18
CA ASN A 490 32.48 -23.49 -0.37
C ASN A 490 31.17 -22.80 0.01
N CYS A 491 31.09 -21.52 -0.36
CA CYS A 491 30.03 -20.63 0.07
C CYS A 491 29.36 -19.99 -1.15
N ASP A 492 28.47 -19.03 -0.88
CA ASP A 492 27.85 -18.22 -1.91
C ASP A 492 28.02 -16.76 -1.53
N GLU A 493 28.62 -15.98 -2.44
CA GLU A 493 28.84 -14.57 -2.16
C GLU A 493 27.55 -13.77 -2.25
N SER A 494 26.57 -14.26 -3.02
CA SER A 494 25.30 -13.54 -3.15
C SER A 494 24.42 -13.70 -1.91
N GLN A 495 24.67 -14.74 -1.12
CA GLN A 495 23.86 -14.97 0.07
C GLN A 495 24.24 -13.98 1.17
N TRP A 496 23.23 -13.33 1.75
CA TRP A 496 23.42 -12.30 2.76
C TRP A 496 22.77 -12.78 4.06
N GLU A 497 23.59 -13.30 4.97
CA GLU A 497 23.17 -13.64 6.33
C GLU A 497 24.19 -13.00 7.27
N PRO A 498 23.93 -11.77 7.70
CA PRO A 498 24.95 -11.03 8.47
C PRO A 498 25.14 -11.59 9.87
N VAL A 499 26.40 -11.62 10.31
CA VAL A 499 26.77 -12.11 11.62
C VAL A 499 27.64 -11.05 12.30
N CYS A 500 27.54 -10.95 13.62
CA CYS A 500 28.26 -9.94 14.37
C CYS A 500 29.37 -10.60 15.18
N GLY A 501 30.61 -10.16 14.97
CA GLY A 501 31.75 -10.70 15.67
C GLY A 501 31.97 -10.06 17.02
N ASN A 502 32.98 -10.57 17.73
CA ASN A 502 33.32 -10.03 19.04
C ASN A 502 34.10 -8.73 18.96
N ASN A 503 34.66 -8.39 17.80
CA ASN A 503 35.42 -7.17 17.63
C ASN A 503 34.56 -5.99 17.17
N GLY A 504 33.25 -6.18 17.03
CA GLY A 504 32.38 -5.12 16.56
C GLY A 504 32.28 -4.99 15.06
N ILE A 505 32.86 -5.91 14.30
CA ILE A 505 32.83 -5.86 12.84
C ILE A 505 31.84 -6.92 12.35
N THR A 506 30.82 -6.46 11.61
CA THR A 506 29.87 -7.37 10.99
C THR A 506 30.54 -8.05 9.80
N TYR A 507 30.18 -9.31 9.57
CA TYR A 507 30.62 -10.04 8.40
C TYR A 507 29.42 -10.34 7.51
N ILE A 508 29.70 -10.56 6.22
CA ILE A 508 28.65 -10.75 5.23
C ILE A 508 27.89 -12.05 5.49
N SER A 509 28.61 -13.14 5.69
CA SER A 509 28.02 -14.45 5.94
C SER A 509 28.89 -15.17 6.94
N PRO A 510 28.34 -16.12 7.70
CA PRO A 510 29.20 -16.96 8.54
C PRO A 510 30.12 -17.85 7.74
N CYS A 511 29.73 -18.22 6.51
CA CYS A 511 30.59 -19.00 5.64
C CYS A 511 31.79 -18.19 5.18
N LEU A 512 31.61 -16.90 4.93
CA LEU A 512 32.74 -16.03 4.65
C LEU A 512 33.51 -15.64 5.91
N ALA A 513 32.88 -15.81 7.09
CA ALA A 513 33.53 -15.42 8.34
C ALA A 513 34.53 -16.45 8.84
N GLY A 514 34.59 -17.62 8.22
CA GLY A 514 35.48 -18.67 8.69
C GLY A 514 34.93 -19.52 9.81
N CYS A 515 33.66 -19.35 10.17
CA CYS A 515 33.07 -20.16 11.22
C CYS A 515 32.77 -21.56 10.71
N LYS A 516 33.27 -22.56 11.43
CA LYS A 516 33.16 -23.95 11.03
C LYS A 516 32.09 -24.73 11.76
N SER A 517 31.72 -24.31 12.97
CA SER A 517 30.68 -24.98 13.75
C SER A 517 29.76 -23.93 14.34
N SER A 518 28.52 -24.34 14.59
CA SER A 518 27.52 -23.46 15.17
C SER A 518 26.99 -24.04 16.48
N PHE A 527 28.08 -19.35 16.73
CA PHE A 527 29.11 -19.81 15.79
C PHE A 527 30.47 -19.86 16.48
N TYR A 528 31.20 -20.95 16.26
CA TYR A 528 32.47 -21.20 16.94
C TYR A 528 33.56 -21.43 15.91
N ASN A 529 34.80 -21.11 16.32
CA ASN A 529 36.03 -21.32 15.55
C ASN A 529 35.98 -20.58 14.21
N CYS A 530 35.83 -19.26 14.28
CA CYS A 530 35.76 -18.42 13.09
C CYS A 530 37.15 -17.93 12.75
N SER A 531 37.60 -18.24 11.53
CA SER A 531 38.99 -17.98 11.15
C SER A 531 39.25 -16.50 10.90
N CYS A 532 38.30 -15.81 10.26
CA CYS A 532 38.55 -14.43 9.86
C CYS A 532 38.40 -13.44 11.00
N LEU A 533 37.93 -13.89 12.17
CA LEU A 533 37.92 -13.01 13.34
C LEU A 533 39.31 -12.79 13.91
N GLU A 534 40.26 -13.67 13.60
CA GLU A 534 41.61 -13.57 14.15
C GLU A 534 42.35 -12.43 13.47
N VAL A 535 42.89 -11.51 14.27
CA VAL A 535 43.61 -10.36 13.75
C VAL A 535 45.08 -10.70 13.54
N ALA A 545 30.98 -15.09 17.51
CA ALA A 545 30.24 -14.56 16.37
C ALA A 545 28.76 -14.95 16.46
N HIS A 546 27.92 -13.96 16.74
CA HIS A 546 26.49 -14.18 16.88
C HIS A 546 25.76 -13.82 15.59
N LEU A 547 24.56 -14.37 15.43
CA LEU A 547 23.74 -14.08 14.27
C LEU A 547 23.17 -12.66 14.36
N GLY A 548 23.06 -12.01 13.21
CA GLY A 548 22.54 -10.67 13.14
C GLY A 548 23.63 -9.63 13.03
N GLU A 549 23.22 -8.41 12.68
CA GLU A 549 24.16 -7.31 12.53
C GLU A 549 24.56 -6.77 13.90
N CYS A 550 25.73 -6.14 13.95
CA CYS A 550 26.23 -5.56 15.19
C CYS A 550 25.43 -4.32 15.56
N PRO A 551 24.88 -4.26 16.77
CA PRO A 551 24.35 -2.99 17.27
C PRO A 551 25.47 -1.98 17.47
N ARG A 552 25.17 -0.71 17.21
CA ARG A 552 26.20 0.30 17.20
C ARG A 552 26.40 0.89 18.60
N ASP A 553 27.23 1.93 18.67
CA ASP A 553 27.55 2.57 19.94
C ASP A 553 26.38 3.40 20.44
N ASP A 554 26.39 3.69 21.75
CA ASP A 554 25.41 4.60 22.33
C ASP A 554 25.68 6.05 21.95
N ALA A 555 26.89 6.33 21.46
CA ALA A 555 27.27 7.70 21.09
C ALA A 555 26.41 8.24 19.96
N CYS A 556 26.09 7.40 18.97
CA CYS A 556 25.13 7.83 17.96
C CYS A 556 23.74 7.26 18.18
N THR A 557 23.51 6.47 19.22
CA THR A 557 22.14 6.25 19.69
C THR A 557 21.60 7.55 20.29
N ARG A 558 22.47 8.31 20.96
CA ARG A 558 22.11 9.67 21.38
C ARG A 558 21.79 10.55 20.18
N LYS A 559 22.55 10.40 19.09
CA LYS A 559 22.26 11.13 17.85
C LYS A 559 20.94 10.68 17.24
N PHE A 560 20.60 9.40 17.41
CA PHE A 560 19.30 8.90 16.94
C PHE A 560 18.16 9.53 17.73
N TYR A 561 18.35 9.69 19.04
CA TYR A 561 17.32 10.35 19.85
C TYR A 561 17.17 11.82 19.48
N PHE A 562 18.31 12.48 19.19
CA PHE A 562 18.27 13.83 18.62
C PHE A 562 17.52 13.86 17.29
N PHE A 563 17.75 12.82 16.45
CA PHE A 563 17.11 12.75 15.15
C PHE A 563 15.60 12.61 15.26
N VAL A 564 15.12 11.77 16.18
CA VAL A 564 13.67 11.61 16.29
C VAL A 564 13.02 12.81 16.98
N ALA A 565 13.78 13.53 17.83
CA ALA A 565 13.30 14.81 18.33
C ALA A 565 13.12 15.83 17.21
N ILE A 566 14.11 15.90 16.30
CA ILE A 566 14.00 16.85 15.20
C ILE A 566 12.92 16.42 14.20
N GLN A 567 12.71 15.10 14.02
CA GLN A 567 11.54 14.64 13.24
C GLN A 567 10.23 15.06 13.86
N VAL A 568 10.09 14.96 15.19
CA VAL A 568 8.85 15.38 15.86
C VAL A 568 8.61 16.87 15.66
N LEU A 569 9.66 17.67 15.85
CA LEU A 569 9.57 19.12 15.69
C LEU A 569 9.30 19.51 14.23
N ASN A 570 9.92 18.79 13.30
CA ASN A 570 9.77 19.06 11.87
C ASN A 570 8.36 18.72 11.41
N LEU A 571 7.81 17.58 11.84
CA LEU A 571 6.44 17.23 11.46
C LEU A 571 5.43 18.16 12.09
N PHE A 572 5.71 18.66 13.30
CA PHE A 572 4.85 19.68 13.89
C PHE A 572 4.85 20.96 13.06
N PHE A 573 6.03 21.40 12.60
CA PHE A 573 6.08 22.62 11.82
C PHE A 573 5.51 22.43 10.41
N SER A 574 5.64 21.24 9.85
CA SER A 574 5.10 20.99 8.52
C SER A 574 3.59 20.87 8.56
N ALA A 575 3.04 20.28 9.63
CA ALA A 575 1.59 20.26 9.78
C ALA A 575 1.05 21.61 10.21
N LEU A 576 1.90 22.49 10.75
CA LEU A 576 1.44 23.82 11.15
C LEU A 576 1.06 24.68 9.95
N GLY A 577 1.60 24.37 8.77
CA GLY A 577 1.27 25.14 7.58
C GLY A 577 0.47 24.37 6.54
N GLY A 578 -0.29 23.37 6.97
CA GLY A 578 -1.04 22.57 6.01
C GLY A 578 -2.26 23.29 5.44
N THR A 579 -2.95 24.05 6.29
CA THR A 579 -4.15 24.79 5.88
C THR A 579 -3.83 25.91 4.89
N SER A 580 -2.61 26.45 4.98
CA SER A 580 -2.26 27.67 4.27
C SER A 580 -2.21 27.48 2.77
N HIS A 581 -1.92 26.26 2.30
CA HIS A 581 -1.93 25.97 0.87
C HIS A 581 -3.33 26.17 0.28
N VAL A 582 -4.35 25.59 0.92
CA VAL A 582 -5.72 25.70 0.44
C VAL A 582 -6.24 27.12 0.62
N MET A 583 -5.90 27.77 1.74
CA MET A 583 -6.34 29.15 1.96
C MET A 583 -5.75 30.10 0.92
N LEU A 584 -4.45 29.98 0.64
CA LEU A 584 -3.82 30.80 -0.38
C LEU A 584 -4.37 30.50 -1.76
N ILE A 585 -4.59 29.22 -2.07
CA ILE A 585 -4.93 28.88 -3.45
C ILE A 585 -6.41 29.15 -3.70
N VAL A 586 -7.20 29.35 -2.63
CA VAL A 586 -8.52 29.93 -2.80
C VAL A 586 -8.42 31.43 -3.02
N LYS A 587 -7.65 32.13 -2.17
CA LYS A 587 -7.67 33.59 -2.21
C LYS A 587 -6.94 34.17 -3.41
N ILE A 588 -6.09 33.38 -4.07
CA ILE A 588 -5.37 33.86 -5.24
C ILE A 588 -6.29 33.93 -6.46
N VAL A 589 -7.02 32.84 -6.71
CA VAL A 589 -7.82 32.70 -7.92
C VAL A 589 -9.17 33.41 -7.80
N GLN A 590 -9.89 33.49 -8.93
CA GLN A 590 -11.21 34.09 -8.97
C GLN A 590 -12.20 33.27 -8.13
N PRO A 591 -13.20 33.93 -7.54
CA PRO A 591 -14.10 33.22 -6.60
C PRO A 591 -14.95 32.13 -7.24
N GLU A 592 -15.24 32.21 -8.53
CA GLU A 592 -15.99 31.15 -9.20
C GLU A 592 -15.08 30.06 -9.76
N LEU A 593 -13.76 30.17 -9.53
CA LEU A 593 -12.81 29.13 -9.90
C LEU A 593 -12.14 28.48 -8.69
N LYS A 594 -12.81 28.51 -7.53
CA LYS A 594 -12.21 27.98 -6.31
C LYS A 594 -12.05 26.45 -6.39
N SER A 595 -13.02 25.77 -6.98
CA SER A 595 -12.99 24.31 -7.01
C SER A 595 -11.95 23.81 -8.01
N LEU A 596 -11.95 24.38 -9.23
CA LEU A 596 -11.03 23.96 -10.28
C LEU A 596 -9.59 24.21 -9.90
N ALA A 597 -9.31 25.36 -9.27
CA ALA A 597 -7.98 25.62 -8.74
C ALA A 597 -7.62 24.65 -7.62
N LEU A 598 -8.62 24.18 -6.88
CA LEU A 598 -8.36 23.14 -5.90
C LEU A 598 -8.33 21.76 -6.52
N GLY A 599 -8.80 21.62 -7.76
CA GLY A 599 -8.78 20.33 -8.42
C GLY A 599 -7.49 20.08 -9.15
N PHE A 600 -7.11 21.03 -10.02
CA PHE A 600 -5.92 20.89 -10.85
C PHE A 600 -4.65 20.81 -10.01
N HIS A 601 -4.58 21.61 -8.95
CA HIS A 601 -3.48 21.51 -7.99
C HIS A 601 -3.44 20.14 -7.34
N SER A 602 -4.62 19.60 -7.00
CA SER A 602 -4.68 18.24 -6.48
C SER A 602 -4.30 17.21 -7.54
N MET A 603 -4.40 17.58 -8.82
CA MET A 603 -3.85 16.72 -9.85
C MET A 603 -2.33 16.83 -9.90
N VAL A 604 -1.78 18.03 -9.71
CA VAL A 604 -0.34 18.23 -9.85
C VAL A 604 0.40 17.62 -8.66
N ILE A 605 -0.18 17.73 -7.46
CA ILE A 605 0.45 17.21 -6.25
C ILE A 605 0.52 15.70 -6.26
N ARG A 606 -0.59 15.05 -6.64
CA ARG A 606 -0.63 13.59 -6.58
C ARG A 606 0.11 12.93 -7.75
N ALA A 607 0.22 13.61 -8.89
CA ALA A 607 0.93 13.04 -10.02
C ALA A 607 2.43 13.29 -9.92
N LEU A 608 2.85 14.56 -9.97
CA LEU A 608 4.26 14.88 -10.08
C LEU A 608 4.96 14.90 -8.75
N GLY A 609 4.21 14.88 -7.65
CA GLY A 609 4.80 14.83 -6.33
C GLY A 609 4.44 13.56 -5.59
N GLY A 610 3.30 12.97 -5.95
CA GLY A 610 2.90 11.74 -5.30
C GLY A 610 3.50 10.49 -5.94
N ILE A 611 3.53 10.45 -7.26
CA ILE A 611 4.04 9.30 -8.00
C ILE A 611 5.51 9.44 -8.34
N LEU A 612 5.89 10.57 -8.94
CA LEU A 612 7.24 10.72 -9.48
C LEU A 612 8.30 10.89 -8.39
N ALA A 613 7.95 11.58 -7.31
CA ALA A 613 8.93 11.88 -6.27
C ALA A 613 9.46 10.64 -5.53
N PRO A 614 8.65 9.64 -5.12
CA PRO A 614 9.28 8.39 -4.63
C PRO A 614 10.13 7.69 -5.67
N ILE A 615 9.79 7.80 -6.95
CA ILE A 615 10.56 7.15 -8.00
C ILE A 615 11.95 7.78 -8.13
N TYR A 616 12.02 9.12 -8.20
CA TYR A 616 13.35 9.69 -8.37
C TYR A 616 14.13 9.74 -7.07
N PHE A 617 13.45 9.81 -5.92
CA PHE A 617 14.13 9.66 -4.63
C PHE A 617 14.75 8.27 -4.51
N GLY A 618 14.00 7.22 -4.90
CA GLY A 618 14.56 5.88 -4.88
C GLY A 618 15.65 5.67 -5.91
N ALA A 619 15.55 6.35 -7.05
CA ALA A 619 16.59 6.28 -8.07
C ALA A 619 17.90 6.88 -7.57
N LEU A 620 17.83 8.02 -6.89
CA LEU A 620 19.05 8.59 -6.33
C LEU A 620 19.51 7.85 -5.08
N ILE A 621 18.61 7.14 -4.41
CA ILE A 621 19.02 6.38 -3.24
C ILE A 621 19.77 5.12 -3.65
N ASP A 622 19.30 4.43 -4.70
CA ASP A 622 19.85 3.14 -5.09
C ASP A 622 21.25 3.22 -5.70
N THR A 623 21.74 4.41 -6.02
CA THR A 623 23.10 4.52 -6.55
C THR A 623 24.14 4.47 -5.44
N THR A 624 23.73 4.50 -4.18
CA THR A 624 24.62 4.38 -3.04
C THR A 624 24.67 2.97 -2.47
N CYS A 625 24.05 2.01 -3.13
CA CYS A 625 24.00 0.64 -2.64
C CYS A 625 25.36 -0.03 -2.80
N ILE A 626 25.79 -0.73 -1.74
CA ILE A 626 27.09 -1.40 -1.76
C ILE A 626 26.89 -2.87 -2.14
N LYS A 627 26.04 -3.57 -1.40
CA LYS A 627 25.79 -4.99 -1.62
C LYS A 627 24.44 -5.13 -2.32
N TRP A 628 24.46 -5.56 -3.57
CA TRP A 628 23.25 -5.81 -4.33
C TRP A 628 22.87 -7.27 -4.22
N SER A 629 21.57 -7.53 -4.21
CA SER A 629 21.03 -8.88 -4.11
C SER A 629 20.49 -9.32 -5.45
N THR A 630 20.88 -10.51 -5.88
CA THR A 630 20.41 -11.06 -7.14
C THR A 630 19.07 -11.76 -6.96
N ASN A 631 18.14 -11.47 -7.86
CA ASN A 631 16.80 -12.03 -7.78
C ASN A 631 16.81 -13.49 -8.24
N ASN A 632 15.69 -14.18 -7.98
CA ASN A 632 15.52 -15.56 -8.44
C ASN A 632 15.42 -15.61 -9.96
N CYS A 633 14.74 -14.64 -10.57
CA CYS A 633 14.61 -14.55 -12.01
C CYS A 633 15.74 -13.72 -12.65
N GLY A 634 16.67 -13.21 -11.85
CA GLY A 634 17.78 -12.44 -12.37
C GLY A 634 17.44 -11.02 -12.77
N THR A 635 16.27 -10.52 -12.38
CA THR A 635 15.84 -9.18 -12.73
C THR A 635 16.28 -8.19 -11.65
N ARG A 636 15.72 -6.98 -11.69
CA ARG A 636 16.02 -5.93 -10.72
C ARG A 636 15.51 -6.31 -9.34
N GLY A 637 16.43 -6.56 -8.40
CA GLY A 637 16.10 -6.98 -7.05
C GLY A 637 16.04 -5.82 -6.10
N SER A 638 16.59 -6.02 -4.91
CA SER A 638 16.59 -5.02 -3.85
C SER A 638 18.00 -4.86 -3.31
N CYS A 639 18.20 -3.86 -2.46
CA CYS A 639 19.49 -3.57 -1.85
C CYS A 639 19.49 -3.99 -0.39
N ARG A 640 20.67 -4.34 0.10
CA ARG A 640 20.84 -4.80 1.47
C ARG A 640 21.63 -3.84 2.35
N THR A 641 22.79 -3.37 1.90
CA THR A 641 23.56 -2.37 2.63
C THR A 641 23.90 -1.20 1.72
N TYR A 642 23.97 -0.02 2.32
CA TYR A 642 24.25 1.22 1.64
C TYR A 642 25.49 1.88 2.26
N ASN A 643 26.21 2.63 1.44
CA ASN A 643 27.29 3.48 1.95
C ASN A 643 26.65 4.63 2.72
N SER A 644 26.80 4.60 4.06
CA SER A 644 25.92 5.35 4.95
C SER A 644 26.10 6.86 4.79
N THR A 645 27.35 7.33 4.68
CA THR A 645 27.58 8.76 4.44
C THR A 645 27.12 9.17 3.04
N SER A 646 27.33 8.31 2.05
CA SER A 646 26.91 8.62 0.68
C SER A 646 25.38 8.64 0.58
N PHE A 647 24.73 7.63 1.15
CA PHE A 647 23.26 7.56 1.16
C PHE A 647 22.67 8.72 1.94
N SER A 648 23.26 9.06 3.09
CA SER A 648 22.80 10.19 3.87
C SER A 648 23.00 11.50 3.13
N ARG A 649 24.15 11.67 2.47
CA ARG A 649 24.44 12.90 1.75
C ARG A 649 23.46 13.10 0.61
N VAL A 650 23.18 12.03 -0.16
CA VAL A 650 22.22 12.13 -1.26
C VAL A 650 20.81 12.42 -0.75
N TYR A 651 20.37 11.71 0.30
CA TYR A 651 19.00 11.84 0.79
C TYR A 651 18.74 13.21 1.41
N LEU A 652 19.56 13.60 2.39
CA LEU A 652 19.38 14.90 3.04
C LEU A 652 19.71 16.06 2.10
N GLY A 653 20.66 15.89 1.18
CA GLY A 653 20.94 16.95 0.22
C GLY A 653 19.83 17.16 -0.78
N LEU A 654 19.24 16.08 -1.28
CA LEU A 654 18.15 16.21 -2.23
C LEU A 654 16.93 16.84 -1.59
N SER A 655 16.60 16.42 -0.36
CA SER A 655 15.52 17.05 0.39
C SER A 655 15.83 18.52 0.70
N SER A 656 17.08 18.82 1.03
CA SER A 656 17.46 20.17 1.43
C SER A 656 17.40 21.15 0.26
N MET A 657 17.97 20.80 -0.90
CA MET A 657 17.90 21.72 -2.03
C MET A 657 16.50 21.77 -2.63
N LEU A 658 15.71 20.69 -2.51
CA LEU A 658 14.33 20.76 -2.95
C LEU A 658 13.50 21.66 -2.03
N ARG A 659 13.94 21.85 -0.78
CA ARG A 659 13.31 22.85 0.09
C ARG A 659 13.85 24.25 -0.17
N VAL A 660 15.13 24.38 -0.51
CA VAL A 660 15.74 25.68 -0.78
C VAL A 660 15.09 26.33 -2.01
N SER A 661 14.83 25.54 -3.06
CA SER A 661 14.17 26.07 -4.25
C SER A 661 12.77 26.57 -3.94
N SER A 662 12.05 25.85 -3.07
CA SER A 662 10.74 26.32 -2.63
C SER A 662 10.83 27.58 -1.78
N LEU A 663 11.92 27.75 -1.02
CA LEU A 663 12.09 28.99 -0.26
C LEU A 663 12.34 30.18 -1.20
N VAL A 664 13.11 29.95 -2.27
CA VAL A 664 13.34 30.99 -3.26
C VAL A 664 12.03 31.40 -3.92
N LEU A 665 11.20 30.40 -4.25
CA LEU A 665 9.89 30.67 -4.83
C LEU A 665 8.96 31.37 -3.82
N TYR A 666 9.08 31.05 -2.53
CA TYR A 666 8.43 31.84 -1.48
C TYR A 666 8.81 33.31 -1.52
N ILE A 667 10.11 33.60 -1.57
CA ILE A 667 10.55 35.00 -1.53
C ILE A 667 10.05 35.76 -2.75
N ILE A 668 10.11 35.12 -3.93
CA ILE A 668 9.60 35.74 -5.14
C ILE A 668 8.08 35.93 -5.07
N LEU A 669 7.37 34.96 -4.49
CA LEU A 669 5.90 35.06 -4.42
C LEU A 669 5.46 36.08 -3.37
N ILE A 670 6.19 36.20 -2.27
CA ILE A 670 5.93 37.25 -1.28
C ILE A 670 6.14 38.62 -1.89
N TYR A 671 7.21 38.79 -2.67
CA TYR A 671 7.44 40.05 -3.36
C TYR A 671 6.36 40.32 -4.40
N ALA A 672 5.89 39.27 -5.07
CA ALA A 672 4.86 39.43 -6.10
C ALA A 672 3.52 39.83 -5.50
N MET A 673 3.12 39.22 -4.38
CA MET A 673 1.87 39.61 -3.75
C MET A 673 1.99 40.96 -3.05
N LYS A 674 3.19 41.33 -2.60
CA LYS A 674 3.35 42.66 -2.02
C LYS A 674 3.30 43.74 -3.08
N LYS A 675 3.80 43.43 -4.28
CA LYS A 675 3.68 44.37 -5.40
C LYS A 675 2.24 44.44 -5.90
N LYS A 676 1.55 43.30 -5.98
CA LYS A 676 0.20 43.28 -6.55
C LYS A 676 -0.83 43.86 -5.58
N TYR A 677 -0.73 43.50 -4.30
CA TYR A 677 -1.72 43.97 -3.32
C TYR A 677 -1.21 45.20 -2.59
N GLY B 1 -33.06 -12.25 -9.38
CA GLY B 1 -32.73 -13.64 -9.08
C GLY B 1 -33.56 -14.20 -7.94
N SER B 2 -34.82 -14.52 -8.23
CA SER B 2 -35.73 -15.08 -7.24
C SER B 2 -35.39 -16.55 -7.03
N SER B 3 -34.41 -16.78 -6.15
CA SER B 3 -33.92 -18.13 -5.86
C SER B 3 -33.58 -18.22 -4.39
N SER B 4 -33.49 -19.45 -3.89
CA SER B 4 -33.18 -19.69 -2.48
C SER B 4 -31.71 -20.01 -2.26
N GLN B 5 -31.21 -21.06 -2.90
CA GLN B 5 -29.83 -21.52 -2.71
C GLN B 5 -29.44 -22.33 -3.93
N VAL B 6 -28.14 -22.57 -4.07
CA VAL B 6 -27.63 -23.34 -5.19
C VAL B 6 -27.56 -24.81 -4.81
N GLN B 7 -28.23 -25.64 -5.59
CA GLN B 7 -28.22 -27.09 -5.45
C GLN B 7 -27.40 -27.63 -6.62
N LEU B 8 -26.39 -28.43 -6.29
CA LEU B 8 -25.56 -29.05 -7.31
C LEU B 8 -25.87 -30.53 -7.40
N VAL B 9 -26.11 -31.02 -8.62
CA VAL B 9 -26.38 -32.42 -8.85
C VAL B 9 -25.27 -33.00 -9.72
N GLU B 10 -24.75 -34.15 -9.30
CA GLU B 10 -23.73 -34.84 -10.08
C GLU B 10 -24.36 -35.98 -10.88
N SER B 11 -23.71 -36.31 -11.99
CA SER B 11 -24.13 -37.43 -12.82
C SER B 11 -22.90 -37.95 -13.54
N GLY B 12 -23.01 -39.18 -14.03
CA GLY B 12 -21.91 -39.79 -14.74
C GLY B 12 -20.98 -40.63 -13.90
N GLY B 13 -21.30 -40.85 -12.62
CA GLY B 13 -20.51 -41.75 -11.83
C GLY B 13 -20.84 -43.20 -12.14
N GLY B 14 -19.81 -44.03 -12.20
CA GLY B 14 -20.02 -45.42 -12.54
C GLY B 14 -18.71 -46.18 -12.46
N LEU B 15 -18.83 -47.51 -12.59
CA LEU B 15 -17.68 -48.39 -12.50
C LEU B 15 -16.81 -48.28 -13.75
N VAL B 16 -15.50 -48.22 -13.54
CA VAL B 16 -14.52 -48.22 -14.62
C VAL B 16 -13.46 -49.27 -14.30
N GLN B 17 -12.82 -49.78 -15.35
CA GLN B 17 -11.82 -50.82 -15.22
C GLN B 17 -10.53 -50.36 -15.86
N ALA B 18 -9.41 -50.60 -15.17
CA ALA B 18 -8.05 -50.28 -15.58
C ALA B 18 -7.89 -48.79 -15.89
N GLY B 19 -6.97 -48.45 -16.79
CA GLY B 19 -6.80 -47.08 -17.23
C GLY B 19 -7.83 -46.65 -18.24
N GLY B 20 -9.08 -46.56 -17.80
CA GLY B 20 -10.19 -46.19 -18.67
C GLY B 20 -10.48 -44.71 -18.65
N SER B 21 -11.73 -44.37 -18.89
CA SER B 21 -12.13 -42.97 -18.93
C SER B 21 -13.54 -42.84 -18.38
N LEU B 22 -13.85 -41.63 -17.93
CA LEU B 22 -15.17 -41.30 -17.39
C LEU B 22 -15.38 -39.80 -17.55
N ARG B 23 -16.61 -39.37 -17.33
CA ARG B 23 -16.95 -37.95 -17.43
C ARG B 23 -18.03 -37.64 -16.41
N LEU B 24 -17.72 -36.79 -15.45
CA LEU B 24 -18.64 -36.42 -14.38
C LEU B 24 -19.20 -35.04 -14.66
N SER B 25 -20.53 -34.91 -14.65
CA SER B 25 -21.17 -33.64 -14.88
C SER B 25 -21.80 -33.12 -13.60
N CYS B 26 -21.72 -31.81 -13.40
CA CYS B 26 -22.32 -31.13 -12.27
C CYS B 26 -23.21 -30.00 -12.78
N ALA B 27 -24.50 -30.11 -12.53
CA ALA B 27 -25.47 -29.11 -12.91
C ALA B 27 -25.88 -28.29 -11.68
N ALA B 28 -26.02 -26.98 -11.89
CA ALA B 28 -26.28 -26.05 -10.81
C ALA B 28 -27.66 -25.43 -10.98
N SER B 29 -28.41 -25.35 -9.87
CA SER B 29 -29.72 -24.72 -9.91
C SER B 29 -29.87 -23.78 -8.72
N GLY B 30 -30.29 -22.54 -8.98
CA GLY B 30 -30.49 -21.60 -7.90
C GLY B 30 -30.01 -20.21 -8.23
N PHE B 31 -29.08 -19.68 -7.44
CA PHE B 31 -28.38 -18.45 -7.81
C PHE B 31 -27.52 -18.71 -9.04
N PRO B 32 -27.29 -17.69 -9.87
CA PRO B 32 -26.37 -17.86 -10.99
C PRO B 32 -24.95 -18.11 -10.52
N VAL B 33 -24.35 -19.16 -11.07
CA VAL B 33 -22.99 -19.55 -10.71
C VAL B 33 -22.06 -19.06 -11.81
N ASN B 34 -22.58 -18.15 -12.64
CA ASN B 34 -21.85 -17.64 -13.80
C ASN B 34 -20.67 -16.76 -13.41
N LEU B 35 -20.67 -16.21 -12.19
CA LEU B 35 -19.56 -15.40 -11.74
C LEU B 35 -18.54 -16.18 -10.93
N SER B 36 -18.84 -17.42 -10.56
CA SER B 36 -18.13 -18.10 -9.48
C SER B 36 -17.33 -19.28 -9.98
N TYR B 37 -16.23 -19.55 -9.28
CA TYR B 37 -15.40 -20.72 -9.55
C TYR B 37 -16.11 -21.97 -9.05
N MET B 38 -16.21 -23.01 -9.87
CA MET B 38 -16.78 -24.26 -9.41
C MET B 38 -15.71 -25.33 -9.39
N HIS B 39 -15.58 -26.02 -8.27
CA HIS B 39 -14.49 -26.91 -7.95
C HIS B 39 -14.97 -28.35 -7.93
N TRP B 40 -14.00 -29.26 -8.07
CA TRP B 40 -14.23 -30.69 -7.94
C TRP B 40 -13.33 -31.20 -6.82
N TYR B 41 -13.96 -31.84 -5.83
CA TYR B 41 -13.32 -32.47 -4.69
C TYR B 41 -13.52 -33.98 -4.76
N ARG B 42 -12.73 -34.71 -3.98
CA ARG B 42 -12.95 -36.15 -3.87
C ARG B 42 -12.87 -36.55 -2.41
N GLN B 43 -13.48 -37.70 -2.09
CA GLN B 43 -13.44 -38.27 -0.74
C GLN B 43 -12.97 -39.71 -0.90
N ALA B 44 -11.76 -39.98 -0.44
CA ALA B 44 -11.23 -41.33 -0.38
C ALA B 44 -11.80 -42.05 0.83
N PRO B 45 -11.85 -43.39 0.80
CA PRO B 45 -12.28 -44.13 1.98
C PRO B 45 -11.25 -44.02 3.10
N GLY B 46 -11.67 -43.46 4.23
CA GLY B 46 -10.77 -43.25 5.34
C GLY B 46 -9.92 -42.00 5.25
N LYS B 47 -10.28 -41.07 4.37
CA LYS B 47 -9.51 -39.84 4.21
C LYS B 47 -10.48 -38.68 4.00
N GLU B 48 -9.98 -37.46 4.22
CA GLU B 48 -10.79 -36.27 4.14
C GLU B 48 -10.91 -35.79 2.70
N ARG B 49 -11.47 -34.60 2.52
CA ARG B 49 -11.78 -34.08 1.19
C ARG B 49 -10.51 -33.61 0.51
N GLU B 50 -9.99 -34.45 -0.39
CA GLU B 50 -8.92 -34.02 -1.27
C GLU B 50 -9.48 -33.12 -2.36
N TRP B 51 -8.72 -32.08 -2.71
CA TRP B 51 -9.09 -31.15 -3.77
C TRP B 51 -8.55 -31.67 -5.09
N VAL B 52 -9.40 -31.68 -6.12
CA VAL B 52 -9.02 -32.27 -7.39
C VAL B 52 -8.83 -31.22 -8.47
N ALA B 53 -9.85 -30.41 -8.73
CA ALA B 53 -9.78 -29.52 -9.88
C ALA B 53 -10.60 -28.27 -9.64
N ALA B 54 -10.40 -27.28 -10.50
CA ALA B 54 -11.15 -26.03 -10.42
C ALA B 54 -11.25 -25.41 -11.80
N ILE B 55 -12.27 -24.57 -11.97
CA ILE B 55 -12.49 -23.85 -13.22
C ILE B 55 -12.87 -22.42 -12.85
N SER B 56 -12.55 -21.48 -13.73
CA SER B 56 -12.86 -20.07 -13.50
C SER B 56 -14.33 -19.80 -13.81
N SER B 57 -14.67 -18.50 -13.83
CA SER B 57 -16.03 -18.08 -14.15
C SER B 57 -16.37 -18.34 -15.60
N TRP B 58 -15.47 -17.98 -16.52
CA TRP B 58 -15.69 -18.16 -17.94
C TRP B 58 -14.76 -19.19 -18.54
N GLY B 59 -14.12 -20.01 -17.72
CA GLY B 59 -13.23 -21.05 -18.20
C GLY B 59 -11.89 -20.56 -18.70
N TRP B 60 -11.47 -19.37 -18.29
CA TRP B 60 -10.19 -18.84 -18.76
C TRP B 60 -9.01 -19.47 -18.04
N HIS B 61 -9.14 -19.76 -16.75
CA HIS B 61 -8.04 -20.25 -15.95
C HIS B 61 -8.50 -21.46 -15.15
N THR B 62 -7.73 -22.55 -15.25
CA THR B 62 -8.05 -23.82 -14.61
C THR B 62 -6.95 -24.18 -13.62
N GLU B 63 -7.33 -24.50 -12.39
CA GLU B 63 -6.39 -24.99 -11.38
C GLU B 63 -6.59 -26.48 -11.19
N TYR B 64 -5.51 -27.24 -11.25
CA TYR B 64 -5.54 -28.69 -11.15
C TYR B 64 -4.68 -29.13 -9.98
N ALA B 65 -5.04 -30.24 -9.35
CA ALA B 65 -4.22 -30.77 -8.28
C ALA B 65 -2.99 -31.46 -8.84
N ASP B 66 -1.96 -31.59 -7.98
CA ASP B 66 -0.76 -32.30 -8.39
C ASP B 66 -0.93 -33.81 -8.32
N SER B 67 -2.01 -34.29 -7.70
CA SER B 67 -2.28 -35.73 -7.68
C SER B 67 -2.63 -36.23 -9.07
N VAL B 68 -3.53 -35.55 -9.76
CA VAL B 68 -3.87 -35.84 -11.15
C VAL B 68 -3.60 -34.58 -11.99
N LYS B 69 -2.52 -34.60 -12.75
CA LYS B 69 -2.09 -33.45 -13.54
C LYS B 69 -1.86 -33.92 -14.97
N GLY B 70 -2.70 -33.45 -15.89
CA GLY B 70 -2.64 -33.84 -17.28
C GLY B 70 -3.48 -35.05 -17.63
N ARG B 71 -3.89 -35.84 -16.66
CA ARG B 71 -4.80 -36.95 -16.89
C ARG B 71 -6.25 -36.50 -16.82
N PHE B 72 -6.53 -35.54 -15.95
CA PHE B 72 -7.88 -35.02 -15.80
C PHE B 72 -8.06 -33.81 -16.71
N THR B 73 -9.32 -33.45 -16.93
CA THR B 73 -9.66 -32.34 -17.83
C THR B 73 -10.96 -31.72 -17.32
N ILE B 74 -10.89 -30.53 -16.75
CA ILE B 74 -12.10 -29.86 -16.31
C ILE B 74 -12.59 -28.95 -17.43
N SER B 75 -13.89 -28.71 -17.46
CA SER B 75 -14.48 -27.90 -18.51
C SER B 75 -15.79 -27.30 -17.99
N ARG B 76 -16.23 -26.23 -18.65
CA ARG B 76 -17.42 -25.52 -18.23
C ARG B 76 -18.28 -25.21 -19.44
N ASP B 77 -19.60 -25.24 -19.24
CA ASP B 77 -20.55 -24.81 -20.26
C ASP B 77 -21.60 -23.97 -19.53
N ASN B 78 -21.48 -22.65 -19.66
CA ASN B 78 -22.33 -21.74 -18.90
C ASN B 78 -23.72 -21.56 -19.51
N ALA B 79 -23.90 -21.96 -20.78
CA ALA B 79 -25.23 -21.86 -21.39
C ALA B 79 -26.19 -22.86 -20.77
N LYS B 80 -25.74 -24.10 -20.56
CA LYS B 80 -26.51 -25.10 -19.85
C LYS B 80 -26.19 -25.15 -18.37
N ASN B 81 -25.26 -24.30 -17.92
CA ASN B 81 -24.91 -24.08 -16.51
C ASN B 81 -24.40 -25.35 -15.85
N THR B 82 -23.32 -25.89 -16.42
CA THR B 82 -22.81 -27.19 -16.06
C THR B 82 -21.28 -27.13 -16.07
N VAL B 83 -20.63 -27.92 -15.22
CA VAL B 83 -19.21 -28.22 -15.39
C VAL B 83 -19.04 -29.72 -15.58
N TYR B 84 -17.96 -30.08 -16.26
CA TYR B 84 -17.63 -31.46 -16.57
C TYR B 84 -16.21 -31.74 -16.13
N LEU B 85 -15.96 -33.00 -15.77
CA LEU B 85 -14.63 -33.46 -15.43
C LEU B 85 -14.41 -34.77 -16.19
N GLN B 86 -13.63 -34.67 -17.27
CA GLN B 86 -13.19 -35.83 -18.04
C GLN B 86 -11.98 -36.44 -17.35
N MET B 87 -12.01 -37.75 -17.16
CA MET B 87 -10.97 -38.47 -16.43
C MET B 87 -10.45 -39.58 -17.33
N ASN B 88 -9.14 -39.57 -17.58
CA ASN B 88 -8.53 -40.51 -18.52
C ASN B 88 -7.34 -41.18 -17.86
N SER B 89 -7.12 -42.44 -18.23
CA SER B 89 -6.03 -43.30 -17.73
C SER B 89 -6.07 -43.41 -16.20
N LEU B 90 -7.18 -43.95 -15.72
CA LEU B 90 -7.45 -43.95 -14.29
C LEU B 90 -6.60 -44.98 -13.56
N LYS B 91 -6.39 -44.71 -12.28
CA LYS B 91 -5.69 -45.57 -11.35
C LYS B 91 -6.67 -46.04 -10.27
N PRO B 92 -6.39 -47.18 -9.61
CA PRO B 92 -7.23 -47.57 -8.47
C PRO B 92 -7.15 -46.61 -7.28
N GLU B 93 -6.10 -45.78 -7.21
CA GLU B 93 -6.01 -44.75 -6.17
C GLU B 93 -7.00 -43.62 -6.39
N ASP B 94 -7.59 -43.51 -7.58
CA ASP B 94 -8.60 -42.50 -7.86
C ASP B 94 -9.99 -42.89 -7.38
N THR B 95 -10.15 -44.08 -6.80
CA THR B 95 -11.44 -44.57 -6.33
C THR B 95 -11.93 -43.70 -5.17
N ALA B 96 -12.93 -42.87 -5.42
CA ALA B 96 -13.34 -41.85 -4.48
C ALA B 96 -14.76 -41.42 -4.81
N VAL B 97 -15.38 -40.73 -3.86
CA VAL B 97 -16.67 -40.09 -4.10
C VAL B 97 -16.41 -38.65 -4.48
N TYR B 98 -16.81 -38.26 -5.69
CA TYR B 98 -16.43 -36.98 -6.27
C TYR B 98 -17.56 -35.98 -6.03
N TYR B 99 -17.22 -34.88 -5.35
CA TYR B 99 -18.17 -33.82 -5.04
C TYR B 99 -17.91 -32.60 -5.91
N CYS B 100 -18.99 -31.88 -6.17
CA CYS B 100 -18.98 -30.62 -6.89
C CYS B 100 -19.21 -29.50 -5.90
N HIS B 101 -18.49 -28.40 -6.04
CA HIS B 101 -18.52 -27.32 -5.05
C HIS B 101 -18.63 -25.98 -5.74
N VAL B 102 -19.51 -25.13 -5.23
CA VAL B 102 -19.63 -23.75 -5.68
C VAL B 102 -19.75 -22.91 -4.41
N ARG B 103 -19.40 -21.63 -4.52
CA ARG B 103 -19.49 -20.70 -3.39
C ARG B 103 -20.20 -19.42 -3.83
N VAL B 104 -21.39 -19.53 -4.41
CA VAL B 104 -22.13 -18.30 -4.66
C VAL B 104 -22.66 -17.80 -3.32
N GLY B 105 -21.91 -16.89 -2.69
CA GLY B 105 -22.27 -16.40 -1.38
C GLY B 105 -21.89 -17.35 -0.27
N ARG B 106 -22.57 -18.50 -0.22
CA ARG B 106 -22.34 -19.53 0.78
C ARG B 106 -21.71 -20.75 0.12
N SER B 107 -20.85 -21.44 0.87
CA SER B 107 -20.19 -22.62 0.34
C SER B 107 -21.19 -23.76 0.18
N TYR B 108 -21.27 -24.31 -1.03
CA TYR B 108 -22.32 -25.24 -1.41
C TYR B 108 -21.67 -26.49 -1.99
N PHE B 109 -22.05 -27.65 -1.48
CA PHE B 109 -21.44 -28.91 -1.89
C PHE B 109 -22.48 -29.84 -2.50
N GLY B 110 -22.01 -30.75 -3.35
CA GLY B 110 -22.87 -31.73 -3.96
C GLY B 110 -23.06 -32.96 -3.09
N GLN B 111 -23.86 -33.90 -3.59
CA GLN B 111 -24.10 -35.14 -2.87
C GLN B 111 -22.99 -36.15 -3.11
N GLY B 112 -22.43 -36.17 -4.31
CA GLY B 112 -21.32 -37.07 -4.59
C GLY B 112 -21.77 -38.41 -5.14
N THR B 113 -21.09 -38.85 -6.19
CA THR B 113 -21.40 -40.11 -6.85
C THR B 113 -20.18 -41.02 -6.81
N GLN B 114 -20.43 -42.31 -6.65
CA GLN B 114 -19.34 -43.29 -6.55
C GLN B 114 -18.67 -43.48 -7.90
N VAL B 115 -17.36 -43.31 -7.92
CA VAL B 115 -16.55 -43.34 -9.14
C VAL B 115 -15.59 -44.50 -8.89
N SER B 116 -16.12 -45.59 -8.33
CA SER B 116 -15.32 -46.77 -8.01
C SER B 116 -14.65 -47.33 -9.26
N VAL B 117 -13.35 -47.60 -9.13
CA VAL B 117 -12.51 -47.99 -10.25
C VAL B 117 -11.91 -49.35 -9.93
N SER B 118 -12.10 -50.31 -10.84
CA SER B 118 -11.56 -51.64 -10.65
C SER B 118 -10.06 -51.66 -10.90
N ALA B 119 -9.40 -52.64 -10.29
CA ALA B 119 -7.95 -52.81 -10.44
C ALA B 119 -7.67 -54.01 -11.34
N GLY B 120 -6.79 -53.82 -12.31
CA GLY B 120 -6.43 -54.87 -13.24
C GLY B 120 -5.17 -54.57 -14.03
#